data_5SUL
#
_entry.id   5SUL
#
_cell.length_a   122.447
_cell.length_b   122.447
_cell.length_c   279.361
_cell.angle_alpha   90.00
_cell.angle_beta   90.00
_cell.angle_gamma   120.00
#
_symmetry.space_group_name_H-M   'P 32 2 1'
#
loop_
_entity.id
_entity.type
_entity.pdbx_description
1 polymer 'Glycogen [starch] synthase isoform 2'
2 non-polymer "URIDINE-5'-DIPHOSPHATE"
3 non-polymer "URIDINE-5'-MONOPHOSPHATE"
#
_entity_poly.entity_id   1
_entity_poly.type   'polypeptide(L)'
_entity_poly.pdbx_seq_one_letter_code
;MGSSHHHHHHSSGLVPRGSHMSRDLQNHLLFETATEVANRVGGIYSVLKSKAPITVAQYKDHYHLIGPLNKATYQNEVDI
LDWKKPEAFSDEMRPVQHALQTMESRGVHFVYGRWLIEGAPKVILFDLDSVRGYSNEWKGDLWSLVGIPSPENDFETNDA
ILLGYTVAWFLGEVAHLDSQHAIVAHFHEWLAGVALPLCRKRRIDVVTIFTTHATLLGRYLCASGSFDFYNCLESVDVDH
EAGRFGIYHRYCIERAAAHSADVFTTVSQITAFEAEHLLKRKPDGILPNGLNVIKFQAFHEFQNLHALKKEKINDFVRGH
FHGCFDFDLDNTLYFFIAGRYEYKNKGADMFIEALARLNYRLKVSGSKKTVVAFIVMPAKNNSFTVEALKGQAEVRALEN
TVHEVTTSIGKRIFDHAIRYPHNGLTTELPTDLGELLKSSDKVMLKRRILALRRPEGQLPPIVTHNMVDDANDLILNKIR
QVQLFNSPSDRVKMIFHPEFLNANNPILGLDYDEFVRGCHLGVFPSYYEPWGYTPAECTVMGVPSITTNVSGFGSYMEDL
IETNQAKDYGIYIVDRRFKAPDESVEQLVDYMEEFVKKTRRQRINQRNATEALSDLLDWKRMGLEYVKARQLALRRGYPD
QFRELVGEELNDSNMDALAGGKKLKVARPLSVPGSPRDLRSNSTVYMTPGDLGTLQEVNNADDYFSLGVNPAADDDDDGP
YADDS
;
_entity_poly.pdbx_strand_id   A,B
#
loop_
_chem_comp.id
_chem_comp.type
_chem_comp.name
_chem_comp.formula
U5P non-polymer URIDINE-5'-MONOPHOSPHATE 'C9 H13 N2 O9 P'
UDP RNA linking URIDINE-5'-DIPHOSPHATE 'C9 H14 N2 O12 P2'
#
# COMPACT_ATOMS: atom_id res chain seq x y z
N SER A 22 13.71 24.14 -49.88
CA SER A 22 12.36 23.75 -49.34
C SER A 22 12.32 22.35 -48.69
N ARG A 23 13.37 22.05 -47.93
CA ARG A 23 13.47 20.89 -47.03
C ARG A 23 12.47 21.06 -45.89
N ASP A 24 11.74 20.00 -45.57
CA ASP A 24 10.67 20.09 -44.55
C ASP A 24 11.17 19.88 -43.10
N LEU A 25 10.78 20.81 -42.23
CA LEU A 25 11.23 20.86 -40.85
C LEU A 25 10.28 20.11 -39.90
N GLN A 26 8.99 20.30 -40.17
CA GLN A 26 7.88 19.64 -39.50
C GLN A 26 8.03 18.15 -39.69
N ASN A 27 7.38 17.61 -40.73
CA ASN A 27 7.53 16.22 -41.11
C ASN A 27 8.93 15.89 -41.63
N HIS A 28 9.82 15.63 -40.67
CA HIS A 28 11.24 15.33 -40.90
C HIS A 28 11.57 13.88 -40.43
N LEU A 29 12.84 13.48 -40.56
CA LEU A 29 13.24 12.10 -40.31
C LEU A 29 14.37 11.96 -39.28
N LEU A 30 14.47 10.78 -38.67
CA LEU A 30 15.47 10.52 -37.61
C LEU A 30 16.38 9.34 -37.94
N PHE A 31 17.68 9.51 -37.65
CA PHE A 31 18.66 8.44 -37.71
C PHE A 31 19.49 8.43 -36.43
N GLU A 32 19.27 7.40 -35.62
CA GLU A 32 20.03 7.22 -34.40
C GLU A 32 21.05 6.13 -34.57
N THR A 33 22.30 6.42 -34.19
CA THR A 33 23.43 5.51 -34.37
C THR A 33 24.22 5.35 -33.07
N ALA A 34 24.55 4.09 -32.74
CA ALA A 34 25.73 3.77 -31.90
C ALA A 34 26.12 2.31 -32.12
N THR A 35 27.18 1.88 -31.47
CA THR A 35 27.67 0.51 -31.66
C THR A 35 26.77 -0.55 -30.99
N GLU A 36 26.02 -0.12 -29.97
CA GLU A 36 25.14 -1.03 -29.26
C GLU A 36 23.74 -1.20 -29.83
N VAL A 37 23.41 -0.69 -31.02
CA VAL A 37 22.12 -1.13 -31.60
C VAL A 37 22.17 -2.66 -31.72
N ALA A 38 20.99 -3.27 -31.79
CA ALA A 38 20.86 -4.72 -31.87
C ALA A 38 22.09 -5.58 -31.48
N ASN A 39 22.69 -5.26 -30.34
CA ASN A 39 23.72 -6.10 -29.70
C ASN A 39 24.31 -5.44 -28.47
N ARG A 40 24.10 -6.11 -27.35
CA ARG A 40 24.49 -5.65 -26.04
C ARG A 40 26.02 -5.58 -26.02
N VAL A 41 26.55 -4.51 -25.44
CA VAL A 41 28.01 -4.24 -25.36
C VAL A 41 28.18 -3.37 -24.12
N GLY A 42 27.21 -2.47 -23.89
CA GLY A 42 27.17 -1.60 -22.71
C GLY A 42 25.76 -1.25 -22.27
N GLY A 43 25.61 -0.11 -21.61
CA GLY A 43 24.32 0.28 -21.13
C GLY A 43 23.54 1.06 -22.18
N ILE A 44 24.23 1.50 -23.22
CA ILE A 44 23.54 2.29 -24.23
C ILE A 44 22.53 1.41 -24.96
N TYR A 45 22.85 0.12 -25.12
CA TYR A 45 21.92 -0.85 -25.71
C TYR A 45 20.55 -0.78 -25.05
N SER A 46 20.55 -0.56 -23.74
CA SER A 46 19.33 -0.39 -22.98
C SER A 46 18.68 0.93 -23.31
N VAL A 47 19.38 2.03 -22.99
CA VAL A 47 18.85 3.38 -23.19
C VAL A 47 18.09 3.52 -24.51
N LEU A 48 18.76 3.10 -25.59
CA LEU A 48 18.20 3.16 -26.94
C LEU A 48 17.00 2.25 -27.06
N LYS A 49 17.09 1.10 -26.37
CA LYS A 49 16.03 0.11 -26.36
C LYS A 49 14.80 0.57 -25.57
N SER A 50 15.01 1.11 -24.37
CA SER A 50 13.85 1.52 -23.54
C SER A 50 13.18 2.70 -24.15
N LYS A 51 14.00 3.53 -24.79
CA LYS A 51 13.56 4.71 -25.50
C LYS A 51 12.68 4.34 -26.70
N ALA A 52 13.03 3.24 -27.37
CA ALA A 52 12.34 2.82 -28.58
C ALA A 52 10.85 3.21 -28.67
N PRO A 53 9.99 2.64 -27.80
CA PRO A 53 8.55 2.77 -28.11
C PRO A 53 8.02 4.21 -28.05
N ILE A 54 8.55 5.02 -27.14
CA ILE A 54 8.25 6.43 -27.17
C ILE A 54 8.65 7.04 -28.53
N THR A 55 9.93 6.88 -28.92
CA THR A 55 10.45 7.45 -30.17
C THR A 55 9.78 6.88 -31.44
N VAL A 56 9.51 5.57 -31.45
CA VAL A 56 8.70 4.97 -32.53
C VAL A 56 7.27 5.45 -32.58
N ALA A 57 6.70 5.87 -31.46
CA ALA A 57 5.36 6.33 -31.55
C ALA A 57 5.43 7.70 -32.25
N GLN A 58 6.46 8.48 -31.96
CA GLN A 58 6.52 9.84 -32.50
C GLN A 58 6.69 9.82 -34.02
N TYR A 59 7.58 8.93 -34.47
CA TYR A 59 8.09 8.90 -35.84
C TYR A 59 7.58 7.79 -36.75
N LYS A 60 6.98 6.74 -36.16
CA LYS A 60 6.69 5.47 -36.87
C LYS A 60 7.78 5.20 -37.89
N ASP A 61 7.43 5.02 -39.16
CA ASP A 61 8.39 4.57 -40.17
C ASP A 61 9.47 5.54 -40.68
N HIS A 62 9.58 6.72 -40.06
CA HIS A 62 10.63 7.73 -40.35
C HIS A 62 11.80 7.70 -39.36
N TYR A 63 11.80 6.70 -38.47
CA TYR A 63 12.88 6.50 -37.49
C TYR A 63 13.67 5.24 -37.83
N HIS A 64 14.99 5.35 -37.77
CA HIS A 64 15.88 4.27 -38.15
C HIS A 64 17.09 4.25 -37.23
N LEU A 65 17.31 3.11 -36.60
CA LEU A 65 18.52 2.94 -35.83
C LEU A 65 19.51 2.38 -36.81
N ILE A 66 20.74 2.86 -36.70
CA ILE A 66 21.84 2.47 -37.56
C ILE A 66 22.97 2.01 -36.64
N GLY A 67 23.62 0.92 -37.03
CA GLY A 67 24.76 0.46 -36.27
C GLY A 67 25.48 -0.70 -36.92
N PRO A 68 26.69 -1.00 -36.40
CA PRO A 68 27.53 -2.00 -37.00
C PRO A 68 26.96 -3.37 -36.66
N LEU A 69 26.84 -4.22 -37.68
CA LEU A 69 26.28 -5.57 -37.57
C LEU A 69 27.13 -6.52 -36.73
N ASN A 70 26.59 -6.99 -35.62
CA ASN A 70 27.28 -8.05 -34.92
C ASN A 70 26.81 -9.43 -35.43
N LYS A 71 27.53 -9.95 -36.42
CA LYS A 71 27.20 -11.21 -37.06
C LYS A 71 26.85 -12.43 -36.18
N ALA A 72 27.28 -12.45 -34.92
CA ALA A 72 26.87 -13.50 -33.96
C ALA A 72 25.44 -13.25 -33.42
N THR A 73 25.30 -12.35 -32.46
CA THR A 73 24.03 -12.04 -31.82
C THR A 73 22.88 -11.61 -32.78
N TYR A 74 23.21 -10.95 -33.87
CA TYR A 74 22.23 -10.23 -34.68
C TYR A 74 20.99 -11.01 -35.08
N GLN A 75 21.12 -12.32 -35.16
CA GLN A 75 20.02 -13.12 -35.66
C GLN A 75 18.94 -13.37 -34.62
N ASN A 76 19.35 -13.38 -33.35
CA ASN A 76 18.41 -13.47 -32.23
C ASN A 76 17.75 -12.13 -31.98
N GLU A 77 18.48 -11.05 -32.27
CA GLU A 77 18.06 -9.69 -32.00
C GLU A 77 17.12 -9.13 -33.03
N VAL A 78 17.30 -9.53 -34.29
CA VAL A 78 16.65 -8.85 -35.43
C VAL A 78 15.77 -9.72 -36.29
N ASP A 79 14.59 -9.19 -36.57
CA ASP A 79 13.70 -9.70 -37.58
C ASP A 79 14.25 -9.24 -38.94
N ILE A 80 15.04 -10.08 -39.65
CA ILE A 80 15.65 -9.74 -40.99
C ILE A 80 14.58 -9.50 -42.08
N LEU A 81 14.66 -8.36 -42.76
CA LEU A 81 13.62 -7.98 -43.76
C LEU A 81 14.19 -7.70 -45.14
N ASP A 82 13.32 -7.87 -46.15
CA ASP A 82 13.76 -7.66 -47.51
C ASP A 82 13.31 -6.31 -47.96
N TRP A 83 14.28 -5.42 -47.96
CA TRP A 83 14.03 -4.04 -48.22
C TRP A 83 13.78 -3.81 -49.70
N LYS A 84 14.23 -4.75 -50.52
CA LYS A 84 14.04 -4.68 -51.96
C LYS A 84 12.57 -4.64 -52.41
N LYS A 85 11.62 -5.24 -51.69
CA LYS A 85 10.21 -5.20 -52.14
C LYS A 85 9.70 -3.77 -52.11
N PRO A 86 8.76 -3.41 -53.00
CA PRO A 86 8.32 -2.01 -52.96
C PRO A 86 7.54 -1.68 -51.69
N GLU A 87 6.84 -2.67 -51.13
CA GLU A 87 6.11 -2.51 -49.86
C GLU A 87 7.02 -2.21 -48.69
N ALA A 88 8.33 -2.44 -48.86
CA ALA A 88 9.31 -2.25 -47.78
C ALA A 88 9.50 -0.81 -47.35
N PHE A 89 9.17 0.13 -48.23
CA PHE A 89 9.05 1.54 -47.83
C PHE A 89 7.88 2.17 -48.57
N SER A 90 7.30 3.21 -47.99
CA SER A 90 6.27 4.03 -48.64
C SER A 90 6.88 4.93 -49.72
N ASP A 91 5.98 5.53 -50.52
CA ASP A 91 6.36 6.42 -51.62
C ASP A 91 7.09 7.64 -51.07
N GLU A 92 6.69 8.06 -49.90
CA GLU A 92 7.34 9.17 -49.26
C GLU A 92 8.80 8.81 -48.87
N MET A 93 8.98 7.58 -48.39
CA MET A 93 10.27 7.14 -47.84
C MET A 93 11.18 6.43 -48.84
N ARG A 94 10.65 6.22 -50.05
CA ARG A 94 11.38 5.65 -51.21
C ARG A 94 12.87 5.97 -51.24
N PRO A 95 13.27 7.25 -51.04
CA PRO A 95 14.69 7.65 -50.99
C PRO A 95 15.64 6.70 -50.23
N VAL A 96 15.25 6.25 -49.04
CA VAL A 96 16.10 5.33 -48.24
C VAL A 96 16.33 4.01 -48.97
N GLN A 97 15.27 3.45 -49.55
CA GLN A 97 15.35 2.25 -50.40
C GLN A 97 16.46 2.40 -51.42
N HIS A 98 16.36 3.49 -52.21
CA HIS A 98 17.33 3.87 -53.25
C HIS A 98 18.74 4.15 -52.74
N ALA A 99 18.85 4.77 -51.56
CA ALA A 99 20.14 4.96 -50.87
C ALA A 99 20.76 3.61 -50.58
N LEU A 100 19.90 2.66 -50.25
CA LEU A 100 20.36 1.32 -49.95
C LEU A 100 20.76 0.61 -51.26
N GLN A 101 19.90 0.69 -52.28
CA GLN A 101 20.19 0.13 -53.61
C GLN A 101 21.64 0.43 -53.99
N THR A 102 21.97 1.72 -53.93
CA THR A 102 23.30 2.29 -54.19
C THR A 102 24.27 1.60 -53.28
N MET A 103 23.91 1.60 -52.00
CA MET A 103 24.77 1.10 -50.94
C MET A 103 25.14 -0.38 -51.10
N GLU A 104 24.25 -1.19 -51.68
CA GLU A 104 24.65 -2.55 -52.04
C GLU A 104 25.43 -2.60 -53.36
N SER A 105 24.95 -1.86 -54.37
CA SER A 105 25.63 -1.73 -55.66
C SER A 105 27.10 -1.59 -55.51
N ARG A 106 27.54 -0.90 -54.49
CA ARG A 106 28.95 -0.56 -54.42
C ARG A 106 29.67 -1.57 -53.55
N GLY A 107 29.00 -2.70 -53.36
CA GLY A 107 29.51 -3.82 -52.56
C GLY A 107 29.61 -3.58 -51.06
N VAL A 108 28.75 -2.71 -50.52
CA VAL A 108 28.59 -2.60 -49.07
C VAL A 108 27.40 -3.45 -48.76
N HIS A 109 27.50 -4.29 -47.73
CA HIS A 109 26.35 -5.06 -47.35
C HIS A 109 25.95 -4.83 -45.91
N PHE A 110 24.65 -4.94 -45.70
CA PHE A 110 23.99 -4.45 -44.51
C PHE A 110 22.78 -5.33 -44.28
N VAL A 111 22.31 -5.46 -43.04
CA VAL A 111 21.01 -6.11 -42.78
C VAL A 111 19.91 -5.07 -42.48
N TYR A 112 18.78 -5.19 -43.18
CA TYR A 112 17.65 -4.32 -42.90
C TYR A 112 16.56 -5.16 -42.27
N GLY A 113 15.89 -4.59 -41.27
CA GLY A 113 14.77 -5.22 -40.60
C GLY A 113 14.35 -4.45 -39.37
N ARG A 114 13.42 -5.04 -38.60
CA ARG A 114 12.97 -4.50 -37.30
C ARG A 114 13.85 -5.06 -36.19
N TRP A 115 14.05 -4.27 -35.14
CA TRP A 115 14.72 -4.76 -33.91
C TRP A 115 13.65 -5.44 -33.08
N LEU A 116 13.97 -6.61 -32.53
CA LEU A 116 12.94 -7.41 -31.85
C LEU A 116 12.76 -6.99 -30.40
N ILE A 117 12.32 -5.76 -30.23
CA ILE A 117 12.13 -5.19 -28.91
C ILE A 117 10.87 -4.35 -28.89
N GLU A 118 10.23 -4.31 -27.73
CA GLU A 118 9.11 -3.42 -27.45
C GLU A 118 9.24 -2.16 -28.30
N GLY A 119 8.45 -2.07 -29.36
CA GLY A 119 8.54 -0.93 -30.27
C GLY A 119 8.84 -1.24 -31.73
N ALA A 120 9.55 -2.35 -31.94
CA ALA A 120 9.83 -2.88 -33.27
C ALA A 120 10.58 -1.90 -34.19
N PRO A 121 11.41 -1.00 -33.62
CA PRO A 121 11.98 0.07 -34.41
C PRO A 121 12.79 -0.52 -35.57
N LYS A 122 12.69 0.12 -36.75
CA LYS A 122 13.39 -0.34 -37.93
C LYS A 122 14.91 0.01 -37.88
N VAL A 123 15.73 -0.94 -38.33
CA VAL A 123 17.19 -0.85 -38.16
C VAL A 123 18.00 -1.14 -39.42
N ILE A 124 19.18 -0.51 -39.48
CA ILE A 124 20.11 -0.67 -40.60
C ILE A 124 21.47 -1.10 -40.01
N LEU A 125 21.94 -2.27 -40.43
CA LEU A 125 23.12 -2.91 -39.82
C LEU A 125 24.26 -3.13 -40.80
N PHE A 126 25.36 -2.43 -40.57
CA PHE A 126 26.39 -2.31 -41.61
C PHE A 126 27.50 -3.29 -41.46
N ASP A 127 27.51 -4.28 -42.35
CA ASP A 127 28.61 -5.26 -42.37
C ASP A 127 30.03 -4.65 -42.50
N LEU A 128 30.68 -4.34 -41.38
CA LEU A 128 31.99 -3.66 -41.47
C LEU A 128 33.07 -4.46 -42.19
N ASP A 129 32.88 -5.78 -42.30
CA ASP A 129 33.78 -6.61 -43.10
C ASP A 129 33.64 -6.19 -44.55
N SER A 130 32.39 -6.00 -44.99
CA SER A 130 32.11 -5.68 -46.40
C SER A 130 32.65 -4.32 -46.84
N VAL A 131 33.39 -3.66 -45.94
CA VAL A 131 34.12 -2.41 -46.26
C VAL A 131 35.52 -2.31 -45.65
N ARG A 132 36.05 -3.39 -45.09
CA ARG A 132 37.44 -3.35 -44.56
C ARG A 132 38.47 -3.11 -45.67
N GLY A 133 38.03 -3.30 -46.92
CA GLY A 133 38.79 -2.94 -48.11
C GLY A 133 39.26 -1.49 -48.10
N TYR A 134 38.32 -0.56 -47.97
CA TYR A 134 38.61 0.87 -47.91
C TYR A 134 39.39 1.31 -46.66
N SER A 135 39.51 0.41 -45.69
CA SER A 135 40.13 0.70 -44.41
C SER A 135 41.32 1.66 -44.49
N ASN A 136 42.31 1.31 -45.32
CA ASN A 136 43.54 2.09 -45.40
C ASN A 136 43.33 3.52 -45.90
N GLU A 137 42.64 3.66 -47.01
CA GLU A 137 42.27 4.99 -47.52
C GLU A 137 41.51 5.83 -46.48
N TRP A 138 40.73 5.15 -45.64
CA TRP A 138 39.89 5.79 -44.61
C TRP A 138 40.61 6.15 -43.33
N LYS A 139 41.27 5.16 -42.71
CA LYS A 139 42.14 5.37 -41.54
C LYS A 139 43.12 6.51 -41.89
N GLY A 140 43.49 6.56 -43.18
CA GLY A 140 44.27 7.64 -43.80
C GLY A 140 43.58 8.99 -43.81
N ASP A 141 42.48 9.11 -44.57
CA ASP A 141 41.68 10.36 -44.70
C ASP A 141 41.38 11.03 -43.37
N LEU A 142 41.52 10.27 -42.28
CA LEU A 142 41.11 10.72 -40.95
C LEU A 142 42.14 11.53 -40.18
N TRP A 143 43.31 10.94 -39.89
CA TRP A 143 44.37 11.74 -39.26
C TRP A 143 44.88 12.87 -40.18
N SER A 144 44.77 12.67 -41.49
CA SER A 144 44.97 13.72 -42.49
C SER A 144 43.78 14.66 -42.56
N LEU A 145 42.79 14.46 -41.70
CA LEU A 145 41.77 15.49 -41.42
C LEU A 145 41.89 15.97 -39.97
N VAL A 146 43.09 15.77 -39.39
CA VAL A 146 43.40 16.01 -37.97
C VAL A 146 44.97 16.00 -37.76
N GLY A 147 45.57 14.88 -37.31
CA GLY A 147 47.02 14.82 -36.90
C GLY A 147 47.86 13.64 -37.40
N ILE A 148 48.34 12.80 -36.48
CA ILE A 148 49.10 11.53 -36.82
C ILE A 148 48.36 10.20 -36.41
N PRO A 149 48.42 9.13 -37.30
CA PRO A 149 47.66 7.81 -37.06
C PRO A 149 47.94 7.00 -35.75
N SER A 150 47.43 5.77 -35.67
CA SER A 150 47.60 5.01 -34.43
C SER A 150 47.83 3.52 -34.66
N PRO A 151 48.47 2.84 -33.68
CA PRO A 151 48.85 1.43 -33.92
C PRO A 151 47.69 0.55 -34.40
N GLU A 152 48.01 -0.45 -35.23
CA GLU A 152 47.04 -1.43 -35.72
C GLU A 152 46.47 -2.25 -34.57
N ASN A 153 47.08 -2.08 -33.40
CA ASN A 153 46.63 -2.66 -32.14
C ASN A 153 45.43 -1.92 -31.58
N ASP A 154 44.41 -1.78 -32.42
CA ASP A 154 43.20 -1.12 -32.03
C ASP A 154 42.02 -1.58 -32.85
N PHE A 155 41.58 -2.82 -32.60
CA PHE A 155 40.42 -3.36 -33.32
C PHE A 155 39.20 -2.44 -33.15
N GLU A 156 39.16 -1.69 -32.04
CA GLU A 156 38.05 -0.79 -31.71
C GLU A 156 37.87 0.39 -32.68
N THR A 157 38.86 1.29 -32.75
CA THR A 157 38.77 2.52 -33.57
C THR A 157 38.67 2.26 -35.08
N ASN A 158 39.29 1.17 -35.52
CA ASN A 158 39.17 0.74 -36.90
C ASN A 158 37.70 0.56 -37.25
N ASP A 159 37.02 -0.25 -36.44
CA ASP A 159 35.57 -0.46 -36.52
C ASP A 159 34.82 0.86 -36.34
N ALA A 160 35.22 1.62 -35.31
CA ALA A 160 34.64 2.94 -35.11
C ALA A 160 34.66 3.71 -36.44
N ILE A 161 35.82 3.71 -37.09
CA ILE A 161 36.03 4.44 -38.33
C ILE A 161 35.25 3.84 -39.49
N LEU A 162 35.46 2.54 -39.75
CA LEU A 162 34.75 1.89 -40.84
C LEU A 162 33.27 2.21 -40.72
N LEU A 163 32.76 2.10 -39.50
CA LEU A 163 31.36 2.40 -39.24
C LEU A 163 31.01 3.83 -39.63
N GLY A 164 31.72 4.81 -39.05
CA GLY A 164 31.50 6.24 -39.30
C GLY A 164 31.43 6.56 -40.79
N TYR A 165 32.44 6.10 -41.53
CA TYR A 165 32.54 6.35 -42.97
C TYR A 165 31.38 5.78 -43.74
N THR A 166 31.03 4.54 -43.43
CA THR A 166 29.85 3.93 -44.02
C THR A 166 28.59 4.76 -43.71
N VAL A 167 28.44 5.21 -42.47
CA VAL A 167 27.23 5.88 -42.03
C VAL A 167 27.16 7.26 -42.71
N ALA A 168 28.31 7.93 -42.74
CA ALA A 168 28.40 9.22 -43.39
C ALA A 168 27.89 9.06 -44.82
N TRP A 169 28.54 8.14 -45.54
CA TRP A 169 28.24 7.73 -46.91
C TRP A 169 26.73 7.51 -47.15
N PHE A 170 26.09 6.79 -46.23
CA PHE A 170 24.65 6.55 -46.24
C PHE A 170 23.82 7.83 -46.08
N LEU A 171 24.31 8.75 -45.25
CA LEU A 171 23.57 9.98 -45.00
C LEU A 171 23.63 10.90 -46.22
N GLY A 172 24.84 11.02 -46.80
CA GLY A 172 25.07 11.68 -48.09
C GLY A 172 24.05 11.31 -49.15
N GLU A 173 24.00 10.03 -49.45
CA GLU A 173 23.03 9.49 -50.38
C GLU A 173 21.56 9.78 -50.00
N VAL A 174 21.26 9.80 -48.71
CA VAL A 174 19.88 10.02 -48.30
C VAL A 174 19.54 11.48 -48.59
N ALA A 175 20.46 12.36 -48.18
CA ALA A 175 20.36 13.80 -48.42
C ALA A 175 20.43 14.10 -49.91
N HIS A 176 21.23 13.33 -50.63
CA HIS A 176 21.24 13.46 -52.08
C HIS A 176 19.85 13.16 -52.65
N LEU A 177 19.24 12.04 -52.28
CA LEU A 177 18.04 11.58 -52.96
C LEU A 177 16.76 12.10 -52.32
N ASP A 178 16.79 12.37 -51.03
CA ASP A 178 15.63 12.91 -50.35
C ASP A 178 15.69 14.41 -50.44
N SER A 179 14.52 15.04 -50.58
CA SER A 179 14.40 16.49 -50.60
C SER A 179 13.08 16.93 -50.00
N GLN A 180 12.21 15.97 -49.73
CA GLN A 180 10.97 16.23 -48.98
C GLN A 180 11.31 16.63 -47.55
N HIS A 181 11.94 15.72 -46.82
CA HIS A 181 12.21 15.88 -45.39
C HIS A 181 13.61 16.38 -45.09
N ALA A 182 13.74 17.10 -43.98
CA ALA A 182 15.04 17.36 -43.39
C ALA A 182 15.39 16.25 -42.43
N ILE A 183 16.68 16.02 -42.31
CA ILE A 183 17.16 14.80 -41.70
C ILE A 183 17.95 15.08 -40.44
N VAL A 184 17.48 14.54 -39.32
CA VAL A 184 18.23 14.69 -38.07
C VAL A 184 18.99 13.40 -37.84
N ALA A 185 20.30 13.55 -37.70
CA ALA A 185 21.16 12.41 -37.41
C ALA A 185 21.71 12.50 -36.01
N HIS A 186 21.23 11.61 -35.14
CA HIS A 186 21.67 11.58 -33.73
C HIS A 186 22.80 10.53 -33.47
N PHE A 187 23.83 10.90 -32.70
CA PHE A 187 24.97 10.00 -32.50
C PHE A 187 25.31 9.81 -31.04
N HIS A 188 25.44 8.54 -30.65
CA HIS A 188 25.70 8.22 -29.26
C HIS A 188 27.11 7.67 -29.05
N GLU A 189 27.89 8.42 -28.25
CA GLU A 189 29.21 8.00 -27.73
C GLU A 189 30.27 8.03 -28.81
N TRP A 190 31.49 8.39 -28.45
CA TRP A 190 32.58 8.53 -29.43
C TRP A 190 32.69 7.44 -30.51
N LEU A 191 32.59 6.17 -30.15
CA LEU A 191 32.71 5.06 -31.11
C LEU A 191 31.85 5.20 -32.38
N ALA A 192 30.73 5.92 -32.28
CA ALA A 192 29.86 6.12 -33.45
C ALA A 192 29.95 7.55 -33.92
N GLY A 193 30.97 8.24 -33.40
CA GLY A 193 31.18 9.67 -33.60
C GLY A 193 32.14 10.06 -34.71
N VAL A 194 32.65 9.07 -35.44
CA VAL A 194 33.49 9.40 -36.58
C VAL A 194 32.65 10.11 -37.65
N ALA A 195 31.51 9.53 -38.02
CA ALA A 195 30.58 10.14 -38.97
C ALA A 195 30.42 11.66 -38.86
N LEU A 196 30.86 12.24 -37.75
CA LEU A 196 30.53 13.63 -37.43
C LEU A 196 31.46 14.65 -38.07
N PRO A 197 32.77 14.50 -37.83
CA PRO A 197 33.69 15.39 -38.55
C PRO A 197 33.40 15.35 -40.04
N LEU A 198 33.36 14.13 -40.60
CA LEU A 198 32.91 13.92 -41.97
C LEU A 198 31.72 14.78 -42.39
N CYS A 199 30.65 14.79 -41.63
CA CYS A 199 29.50 15.56 -42.05
C CYS A 199 29.70 17.09 -42.08
N ARG A 200 30.43 17.66 -41.10
CA ARG A 200 30.81 19.10 -41.12
C ARG A 200 31.69 19.30 -42.35
N LYS A 201 32.88 18.67 -42.32
CA LYS A 201 33.92 18.77 -43.39
C LYS A 201 33.49 18.32 -44.81
N ARG A 202 32.27 17.82 -44.97
CA ARG A 202 31.74 17.53 -46.30
C ARG A 202 30.55 18.41 -46.48
N ARG A 203 30.26 19.18 -45.44
CA ARG A 203 29.06 20.01 -45.34
C ARG A 203 27.85 19.37 -46.02
N ILE A 204 27.40 18.20 -45.52
CA ILE A 204 26.21 17.48 -46.03
C ILE A 204 24.89 17.97 -45.44
N ASP A 205 23.83 17.94 -46.24
CA ASP A 205 22.55 18.52 -45.85
C ASP A 205 21.80 17.60 -44.87
N VAL A 206 22.37 17.46 -43.68
CA VAL A 206 21.71 16.88 -42.49
C VAL A 206 22.11 17.70 -41.27
N VAL A 207 21.30 17.64 -40.21
CA VAL A 207 21.65 18.25 -38.91
C VAL A 207 22.01 17.17 -37.89
N THR A 208 23.13 17.37 -37.20
CA THR A 208 23.65 16.35 -36.31
C THR A 208 23.53 16.69 -34.83
N ILE A 209 23.18 15.68 -34.01
CA ILE A 209 23.23 15.74 -32.52
C ILE A 209 24.24 14.73 -31.99
N PHE A 210 25.02 15.10 -30.98
CA PHE A 210 25.95 14.12 -30.37
C PHE A 210 25.79 13.95 -28.86
N THR A 211 25.55 12.74 -28.42
CA THR A 211 25.39 12.49 -27.00
C THR A 211 26.54 11.65 -26.48
N THR A 212 27.27 12.20 -25.52
CA THR A 212 28.21 11.39 -24.79
C THR A 212 27.59 10.88 -23.49
N HIS A 213 27.86 9.63 -23.18
CA HIS A 213 27.27 9.00 -22.03
C HIS A 213 28.31 8.97 -20.93
N ALA A 214 29.45 9.53 -21.23
CA ALA A 214 30.49 9.81 -20.25
C ALA A 214 31.64 10.25 -21.12
N THR A 215 32.51 11.08 -20.56
CA THR A 215 33.69 11.48 -21.26
C THR A 215 34.68 10.34 -21.23
N LEU A 216 35.55 10.33 -22.23
CA LEU A 216 36.60 9.31 -22.27
C LEU A 216 37.73 9.68 -21.33
N LEU A 217 38.06 10.98 -21.28
CA LEU A 217 39.08 11.47 -20.35
C LEU A 217 38.67 11.18 -18.90
N GLY A 218 37.39 11.46 -18.59
CA GLY A 218 36.82 11.23 -17.27
C GLY A 218 36.91 9.82 -16.70
N ARG A 219 36.76 8.79 -17.56
CA ARG A 219 36.89 7.39 -17.11
C ARG A 219 38.31 7.15 -16.62
N TYR A 220 39.30 7.59 -17.40
CA TYR A 220 40.69 7.26 -17.08
C TYR A 220 41.24 7.92 -15.83
N LEU A 221 40.93 9.20 -15.66
CA LEU A 221 41.39 9.95 -14.50
C LEU A 221 41.03 9.34 -13.11
N CYS A 222 39.83 8.78 -12.97
CA CYS A 222 39.46 8.12 -11.72
C CYS A 222 39.69 6.61 -11.80
N ALA A 223 40.52 6.16 -12.74
CA ALA A 223 40.68 4.73 -13.03
C ALA A 223 41.20 3.95 -11.80
N SER A 224 42.51 3.95 -11.60
CA SER A 224 43.05 3.56 -10.30
C SER A 224 42.66 4.70 -9.32
N GLY A 225 43.27 5.86 -9.52
CA GLY A 225 43.19 6.84 -8.55
C GLY A 225 42.45 8.17 -8.70
N SER A 226 43.26 9.24 -8.61
CA SER A 226 42.79 9.85 -7.34
C SER A 226 42.45 11.26 -7.20
N PHE A 227 43.05 12.05 -8.12
CA PHE A 227 42.81 13.47 -8.34
C PHE A 227 41.42 13.81 -7.82
N ASP A 228 41.35 14.69 -6.81
CA ASP A 228 40.06 15.20 -6.38
C ASP A 228 39.34 15.50 -7.68
N PHE A 229 38.85 14.44 -8.32
CA PHE A 229 38.39 14.50 -9.71
C PHE A 229 37.55 15.76 -9.96
N TYR A 230 36.37 15.81 -9.33
CA TYR A 230 35.41 16.90 -9.56
C TYR A 230 35.95 18.27 -9.07
N ASN A 231 37.22 18.29 -8.65
CA ASN A 231 37.83 19.41 -7.94
C ASN A 231 39.01 20.00 -8.68
N CYS A 232 39.98 19.16 -9.01
CA CYS A 232 41.13 19.57 -9.80
C CYS A 232 41.01 18.96 -11.20
N LEU A 233 40.09 19.48 -12.00
CA LEU A 233 39.94 19.09 -13.41
C LEU A 233 39.82 20.31 -14.33
N GLU A 234 39.43 21.45 -13.75
CA GLU A 234 39.68 22.77 -14.37
C GLU A 234 41.18 22.83 -14.63
N SER A 235 41.90 22.36 -13.61
CA SER A 235 43.34 22.35 -13.57
C SER A 235 43.85 20.94 -13.94
N VAL A 236 43.68 20.59 -15.22
CA VAL A 236 44.23 19.32 -15.74
C VAL A 236 44.88 19.57 -17.09
N ASP A 237 45.98 18.84 -17.34
CA ASP A 237 46.75 18.95 -18.57
C ASP A 237 45.91 18.58 -19.78
N VAL A 238 45.52 19.64 -20.49
CA VAL A 238 44.91 19.60 -21.83
C VAL A 238 45.05 18.25 -22.55
N ASP A 239 46.07 18.13 -23.40
CA ASP A 239 46.31 16.89 -24.14
C ASP A 239 47.11 15.86 -23.33
N HIS A 240 48.33 16.23 -22.91
CA HIS A 240 49.27 15.30 -22.24
C HIS A 240 48.60 14.17 -21.44
N GLU A 241 47.50 14.50 -20.76
CA GLU A 241 46.72 13.54 -19.97
C GLU A 241 46.10 12.41 -20.80
N ALA A 242 45.57 12.74 -21.99
CA ALA A 242 45.07 11.75 -22.94
C ALA A 242 46.26 10.96 -23.48
N GLY A 243 47.35 11.69 -23.76
CA GLY A 243 48.62 11.11 -24.14
C GLY A 243 49.11 10.02 -23.21
N ARG A 244 49.26 10.32 -21.92
CA ARG A 244 49.83 9.32 -20.98
C ARG A 244 49.00 8.04 -20.79
N PHE A 245 47.73 8.08 -21.18
CA PHE A 245 46.82 6.95 -20.96
C PHE A 245 46.68 6.07 -22.19
N GLY A 246 47.29 6.48 -23.29
CA GLY A 246 47.17 5.76 -24.54
C GLY A 246 45.90 6.14 -25.25
N ILE A 247 45.08 6.96 -24.60
CA ILE A 247 43.74 7.32 -25.10
C ILE A 247 43.74 8.45 -26.14
N TYR A 248 44.93 8.88 -26.61
CA TYR A 248 45.04 10.15 -27.35
C TYR A 248 44.32 10.23 -28.70
N HIS A 249 44.60 9.28 -29.58
CA HIS A 249 43.88 9.18 -30.86
C HIS A 249 42.36 9.12 -30.66
N ARG A 250 41.95 8.48 -29.55
CA ARG A 250 40.55 8.20 -29.23
C ARG A 250 39.84 9.43 -28.67
N TYR A 251 40.52 10.12 -27.74
CA TYR A 251 40.08 11.42 -27.21
C TYR A 251 39.80 12.34 -28.36
N CYS A 252 40.70 12.32 -29.35
CA CYS A 252 40.59 13.18 -30.50
C CYS A 252 39.34 12.88 -31.34
N ILE A 253 39.00 11.60 -31.49
CA ILE A 253 37.76 11.25 -32.17
C ILE A 253 36.60 11.79 -31.35
N GLU A 254 36.64 11.56 -30.03
CA GLU A 254 35.59 12.03 -29.13
C GLU A 254 35.46 13.55 -29.18
N ARG A 255 36.60 14.22 -29.17
CA ARG A 255 36.65 15.68 -29.18
C ARG A 255 36.18 16.18 -30.52
N ALA A 256 36.64 15.47 -31.56
CA ALA A 256 36.29 15.77 -32.94
C ALA A 256 34.82 15.64 -33.13
N ALA A 257 34.27 14.55 -32.57
CA ALA A 257 32.83 14.23 -32.63
C ALA A 257 31.97 15.32 -31.98
N ALA A 258 32.36 15.70 -30.76
CA ALA A 258 31.63 16.65 -29.93
C ALA A 258 31.48 18.01 -30.60
N HIS A 259 32.58 18.47 -31.20
CA HIS A 259 32.63 19.81 -31.79
C HIS A 259 31.93 19.93 -33.15
N SER A 260 31.95 18.85 -33.94
CA SER A 260 31.33 18.81 -35.28
C SER A 260 29.81 18.91 -35.29
N ALA A 261 29.17 18.32 -34.28
CA ALA A 261 27.72 18.32 -34.20
C ALA A 261 27.13 19.69 -33.87
N ASP A 262 25.99 20.00 -34.47
CA ASP A 262 25.25 21.23 -34.16
C ASP A 262 24.96 21.31 -32.67
N VAL A 263 24.49 20.18 -32.13
CA VAL A 263 24.09 20.03 -30.72
C VAL A 263 24.96 19.03 -29.98
N PHE A 264 25.43 19.42 -28.80
CA PHE A 264 26.29 18.57 -27.99
C PHE A 264 25.59 18.32 -26.68
N THR A 265 25.53 17.06 -26.28
CA THR A 265 24.74 16.66 -25.11
C THR A 265 25.49 15.61 -24.29
N THR A 266 25.06 15.49 -23.03
CA THR A 266 25.47 14.44 -22.11
C THR A 266 24.23 14.01 -21.36
N VAL A 267 24.33 12.97 -20.54
CA VAL A 267 23.13 12.41 -19.91
C VAL A 267 22.81 12.96 -18.54
N SER A 268 23.79 13.56 -17.89
CA SER A 268 23.54 14.13 -16.58
C SER A 268 24.26 15.46 -16.44
N GLN A 269 23.73 16.33 -15.59
CA GLN A 269 24.34 17.63 -15.29
C GLN A 269 25.81 17.50 -14.88
N ILE A 270 26.10 16.46 -14.08
CA ILE A 270 27.43 16.25 -13.60
C ILE A 270 28.35 15.80 -14.74
N THR A 271 27.82 15.03 -15.68
CA THR A 271 28.62 14.61 -16.85
C THR A 271 28.92 15.79 -17.83
N ALA A 272 28.04 16.80 -17.86
CA ALA A 272 28.27 18.03 -18.64
C ALA A 272 29.32 18.94 -18.01
N PHE A 273 29.64 18.71 -16.75
CA PHE A 273 30.76 19.40 -16.13
C PHE A 273 32.08 18.81 -16.65
N GLU A 274 32.21 17.47 -16.70
CA GLU A 274 33.37 16.88 -17.37
C GLU A 274 33.37 17.23 -18.86
N ALA A 275 32.21 17.17 -19.50
CA ALA A 275 32.14 17.37 -20.95
C ALA A 275 32.76 18.70 -21.36
N GLU A 276 32.32 19.75 -20.66
CA GLU A 276 32.76 21.12 -20.88
C GLU A 276 34.27 21.17 -20.74
N HIS A 277 34.81 20.97 -19.54
CA HIS A 277 36.27 21.07 -19.35
C HIS A 277 37.13 20.03 -20.06
N LEU A 278 36.64 18.81 -20.23
CA LEU A 278 37.51 17.78 -20.81
C LEU A 278 37.47 17.68 -22.32
N LEU A 279 36.38 18.12 -22.94
CA LEU A 279 36.29 18.11 -24.40
C LEU A 279 36.06 19.52 -24.93
N LYS A 280 36.00 20.48 -24.01
CA LYS A 280 35.92 21.89 -24.36
C LYS A 280 34.68 22.20 -25.20
N ARG A 281 33.53 21.88 -24.64
CA ARG A 281 32.29 22.45 -25.10
C ARG A 281 31.14 22.25 -24.12
N LYS A 282 30.68 23.35 -23.53
CA LYS A 282 29.48 23.29 -22.72
C LYS A 282 28.37 22.70 -23.58
N PRO A 283 27.85 21.56 -23.13
CA PRO A 283 26.81 20.83 -23.84
C PRO A 283 25.60 21.72 -23.96
N ASP A 284 25.01 21.78 -25.14
CA ASP A 284 23.80 22.60 -25.32
C ASP A 284 22.61 22.02 -24.55
N GLY A 285 22.85 20.98 -23.74
CA GLY A 285 21.79 20.37 -22.94
C GLY A 285 22.07 19.02 -22.30
N ILE A 286 20.99 18.33 -21.95
CA ILE A 286 21.07 17.16 -21.10
C ILE A 286 19.95 16.18 -21.50
N LEU A 287 20.30 14.92 -21.78
CA LEU A 287 19.29 13.90 -22.15
C LEU A 287 19.26 12.72 -21.16
N PRO A 288 18.68 12.96 -19.97
CA PRO A 288 18.71 11.95 -18.91
C PRO A 288 17.85 10.75 -19.29
N ASN A 289 18.26 9.56 -18.83
CA ASN A 289 17.70 8.30 -19.32
C ASN A 289 16.36 7.92 -18.68
N GLY A 290 15.34 7.75 -19.50
CA GLY A 290 14.04 7.32 -19.01
C GLY A 290 13.99 5.81 -18.91
N LEU A 291 12.92 5.31 -18.27
CA LEU A 291 12.56 3.89 -18.27
C LEU A 291 11.11 3.90 -18.68
N ASN A 292 10.64 2.75 -19.19
CA ASN A 292 9.19 2.52 -19.37
C ASN A 292 8.58 1.95 -18.07
N VAL A 293 8.02 2.84 -17.23
CA VAL A 293 7.63 2.54 -15.84
C VAL A 293 6.70 1.36 -15.73
N ILE A 294 5.71 1.33 -16.62
CA ILE A 294 4.69 0.26 -16.69
C ILE A 294 5.31 -1.14 -16.97
N LYS A 295 6.58 -1.19 -17.36
CA LYS A 295 7.34 -2.47 -17.37
C LYS A 295 7.80 -2.91 -15.93
N PHE A 296 7.42 -2.11 -14.92
CA PHE A 296 7.78 -2.42 -13.54
C PHE A 296 6.54 -2.48 -12.66
N GLN A 297 5.59 -1.57 -12.90
CA GLN A 297 4.35 -1.53 -12.12
C GLN A 297 3.26 -2.34 -12.79
N GLN A 303 -2.34 -8.11 -4.30
CA GLN A 303 -1.20 -8.67 -3.56
C GLN A 303 -0.13 -7.60 -3.24
N ASN A 304 0.48 -7.73 -2.07
CA ASN A 304 1.57 -6.85 -1.66
C ASN A 304 2.88 -7.46 -2.08
N LEU A 305 3.59 -6.78 -2.96
CA LEU A 305 4.83 -7.33 -3.41
C LEU A 305 5.88 -7.20 -2.35
N HIS A 306 5.98 -6.06 -1.70
CA HIS A 306 7.11 -5.90 -0.80
C HIS A 306 7.08 -6.96 0.26
N ALA A 307 5.89 -7.16 0.84
CA ALA A 307 5.69 -8.06 2.02
C ALA A 307 5.96 -9.51 1.69
N LEU A 308 6.04 -9.80 0.40
CA LEU A 308 6.00 -11.15 -0.07
C LEU A 308 7.39 -11.59 -0.53
N LYS A 309 8.09 -10.71 -1.23
CA LYS A 309 9.47 -10.93 -1.65
C LYS A 309 10.41 -10.87 -0.44
N LYS A 310 10.05 -10.01 0.51
CA LYS A 310 10.78 -9.90 1.76
C LYS A 310 10.85 -11.30 2.37
N GLU A 311 9.71 -12.01 2.41
CA GLU A 311 9.69 -13.37 2.95
C GLU A 311 10.59 -14.40 2.24
N LYS A 312 10.76 -14.28 0.92
CA LYS A 312 11.71 -15.14 0.20
C LYS A 312 13.20 -14.82 0.62
N ILE A 313 13.51 -13.52 0.79
CA ILE A 313 14.78 -13.08 1.39
C ILE A 313 14.87 -13.73 2.77
N ASN A 314 13.92 -13.40 3.66
CA ASN A 314 13.86 -13.99 5.01
C ASN A 314 14.32 -15.44 5.00
N ASP A 315 13.75 -16.23 4.10
CA ASP A 315 14.09 -17.64 3.97
C ASP A 315 15.57 -17.91 3.76
N PHE A 316 16.28 -17.01 3.10
CA PHE A 316 17.70 -17.22 2.88
C PHE A 316 18.43 -16.73 4.10
N VAL A 317 17.95 -15.64 4.69
CA VAL A 317 18.57 -15.17 5.90
C VAL A 317 18.48 -16.21 7.04
N ARG A 318 17.36 -16.96 7.09
CA ARG A 318 17.19 -18.01 8.10
C ARG A 318 18.26 -19.07 8.01
N GLY A 319 18.32 -19.78 6.88
CA GLY A 319 19.37 -20.78 6.68
C GLY A 319 20.79 -20.26 6.53
N HIS A 320 20.97 -18.95 6.43
CA HIS A 320 22.32 -18.39 6.42
C HIS A 320 22.80 -18.22 7.85
N PHE A 321 21.93 -17.72 8.72
CA PHE A 321 22.27 -17.48 10.11
C PHE A 321 21.87 -18.64 11.00
N HIS A 322 21.69 -19.81 10.39
CA HIS A 322 21.26 -21.02 11.12
C HIS A 322 22.20 -21.34 12.25
N GLY A 323 21.67 -21.92 13.31
CA GLY A 323 22.55 -22.29 14.40
C GLY A 323 22.75 -21.11 15.31
N CYS A 324 23.24 -19.99 14.79
CA CYS A 324 23.20 -18.76 15.59
C CYS A 324 22.22 -17.70 15.09
N PHE A 325 20.96 -17.91 15.43
CA PHE A 325 19.90 -16.95 15.13
C PHE A 325 19.40 -16.26 16.39
N ASP A 326 20.03 -15.12 16.74
CA ASP A 326 19.78 -14.43 18.01
C ASP A 326 18.79 -13.29 17.92
N PHE A 327 18.23 -13.03 16.75
CA PHE A 327 17.51 -11.76 16.49
C PHE A 327 16.15 -11.87 15.78
N ASP A 328 15.42 -10.76 15.74
CA ASP A 328 14.06 -10.74 15.24
C ASP A 328 13.98 -10.31 13.75
N LEU A 329 13.67 -11.24 12.85
CA LEU A 329 13.43 -10.85 11.45
C LEU A 329 12.20 -9.98 11.29
N ASP A 330 11.36 -9.95 12.33
CA ASP A 330 10.25 -9.01 12.42
C ASP A 330 10.71 -7.56 12.58
N ASN A 331 11.96 -7.41 13.03
CA ASN A 331 12.52 -6.13 13.35
C ASN A 331 13.94 -6.08 12.78
N THR A 332 14.04 -6.58 11.53
CA THR A 332 15.28 -6.60 10.72
C THR A 332 15.07 -5.90 9.37
N LEU A 333 15.96 -4.96 9.05
CA LEU A 333 15.92 -4.19 7.81
C LEU A 333 16.96 -4.64 6.80
N TYR A 334 16.56 -4.75 5.54
CA TYR A 334 17.45 -5.19 4.47
C TYR A 334 17.98 -4.02 3.69
N PHE A 335 19.31 -3.95 3.55
CA PHE A 335 20.01 -2.91 2.78
C PHE A 335 20.79 -3.57 1.65
N PHE A 336 20.77 -3.00 0.46
CA PHE A 336 21.56 -3.59 -0.62
C PHE A 336 22.22 -2.59 -1.52
N ILE A 337 23.37 -3.01 -2.03
CA ILE A 337 24.11 -2.36 -3.11
C ILE A 337 24.28 -3.44 -4.19
N ALA A 338 24.25 -3.04 -5.45
CA ALA A 338 24.19 -4.02 -6.52
C ALA A 338 24.64 -3.49 -7.86
N GLY A 339 25.26 -4.36 -8.65
CA GLY A 339 25.62 -4.04 -10.03
C GLY A 339 27.07 -4.33 -10.33
N ARG A 340 27.51 -4.04 -11.55
CA ARG A 340 28.86 -4.34 -11.99
C ARG A 340 29.81 -4.00 -10.88
N TYR A 341 30.85 -4.81 -10.77
CA TYR A 341 31.73 -4.79 -9.61
C TYR A 341 32.84 -3.70 -9.68
N GLU A 342 32.44 -2.45 -9.93
CA GLU A 342 33.38 -1.33 -9.85
C GLU A 342 33.64 -0.92 -8.41
N TYR A 343 34.43 -1.70 -7.68
CA TYR A 343 34.70 -1.41 -6.25
C TYR A 343 34.71 0.07 -5.78
N LYS A 344 35.54 0.96 -6.36
CA LYS A 344 35.55 2.34 -5.87
C LYS A 344 34.59 3.33 -6.55
N ASN A 345 34.32 3.19 -7.85
CA ASN A 345 33.33 4.05 -8.58
C ASN A 345 31.90 3.85 -8.12
N LYS A 346 31.57 2.60 -7.85
CA LYS A 346 30.27 2.22 -7.38
C LYS A 346 30.14 2.60 -5.90
N GLY A 347 31.25 3.04 -5.30
CA GLY A 347 31.29 3.50 -3.89
C GLY A 347 31.04 2.41 -2.87
N ALA A 348 31.35 1.17 -3.26
CA ALA A 348 31.23 0.02 -2.38
C ALA A 348 32.16 0.21 -1.19
N ASP A 349 33.20 1.00 -1.40
CA ASP A 349 34.17 1.30 -0.36
C ASP A 349 33.47 2.05 0.77
N MET A 350 32.82 3.16 0.45
CA MET A 350 32.08 3.94 1.44
C MET A 350 30.93 3.18 2.12
N PHE A 351 30.32 2.25 1.40
CA PHE A 351 29.20 1.50 1.90
C PHE A 351 29.63 0.58 3.04
N ILE A 352 30.62 -0.27 2.80
CA ILE A 352 31.16 -1.17 3.83
C ILE A 352 31.72 -0.37 5.02
N GLU A 353 32.28 0.79 4.70
CA GLU A 353 32.75 1.74 5.69
C GLU A 353 31.60 2.39 6.48
N ALA A 354 30.74 3.15 5.81
CA ALA A 354 29.57 3.74 6.49
C ALA A 354 28.90 2.70 7.37
N LEU A 355 28.99 1.45 6.93
CA LEU A 355 28.34 0.34 7.59
C LEU A 355 28.95 0.00 8.95
N ALA A 356 30.26 -0.20 8.98
CA ALA A 356 30.96 -0.48 10.26
C ALA A 356 30.67 0.62 11.32
N ARG A 357 30.68 1.87 10.86
CA ARG A 357 30.35 3.05 11.65
C ARG A 357 28.90 2.97 12.13
N LEU A 358 27.99 2.61 11.22
CA LEU A 358 26.59 2.39 11.59
C LEU A 358 26.41 1.30 12.66
N ASN A 359 27.20 0.22 12.57
CA ASN A 359 27.21 -0.79 13.62
C ASN A 359 27.58 -0.13 14.94
N TYR A 360 28.73 0.55 14.96
CA TYR A 360 29.15 1.31 16.16
C TYR A 360 28.00 2.07 16.82
N ARG A 361 27.42 3.04 16.09
CA ARG A 361 26.36 3.90 16.60
C ARG A 361 25.24 3.06 17.20
N LEU A 362 24.95 1.93 16.56
CA LEU A 362 23.77 1.16 16.90
C LEU A 362 23.90 0.34 18.19
N LYS A 363 25.14 -0.11 18.46
CA LYS A 363 25.52 -0.71 19.73
C LYS A 363 25.26 0.28 20.87
N VAL A 364 25.90 1.46 20.77
CA VAL A 364 25.86 2.50 21.81
C VAL A 364 24.45 2.89 22.22
N SER A 365 23.66 3.30 21.24
CA SER A 365 22.27 3.64 21.48
C SER A 365 21.48 2.39 21.89
N GLY A 366 22.22 1.32 22.23
CA GLY A 366 21.69 -0.01 22.49
C GLY A 366 20.40 -0.25 21.74
N SER A 367 20.48 -0.23 20.41
CA SER A 367 19.28 -0.35 19.58
C SER A 367 18.89 -1.81 19.43
N LYS A 368 17.60 -2.06 19.27
CA LYS A 368 17.11 -3.42 19.18
C LYS A 368 16.95 -3.90 17.71
N LYS A 369 17.11 -2.97 16.75
CA LYS A 369 17.01 -3.29 15.31
C LYS A 369 18.25 -4.01 14.75
N THR A 370 18.08 -4.70 13.63
CA THR A 370 19.21 -5.39 13.04
C THR A 370 19.23 -5.12 11.57
N VAL A 371 20.40 -4.80 11.02
CA VAL A 371 20.52 -4.64 9.58
C VAL A 371 21.33 -5.75 8.90
N VAL A 372 20.71 -6.43 7.95
CA VAL A 372 21.47 -7.30 7.07
C VAL A 372 21.70 -6.52 5.78
N ALA A 373 22.97 -6.33 5.45
CA ALA A 373 23.35 -5.61 4.25
C ALA A 373 23.86 -6.57 3.21
N PHE A 374 23.34 -6.44 1.99
CA PHE A 374 23.72 -7.29 0.89
C PHE A 374 24.60 -6.57 -0.12
N ILE A 375 25.45 -7.34 -0.75
CA ILE A 375 26.31 -6.84 -1.81
C ILE A 375 26.16 -7.80 -2.98
N VAL A 376 25.55 -7.29 -4.05
CA VAL A 376 25.25 -8.10 -5.22
C VAL A 376 26.07 -7.60 -6.43
N MET A 377 27.37 -7.88 -6.33
CA MET A 377 28.36 -7.51 -7.33
C MET A 377 29.11 -8.76 -7.77
N PRO A 378 29.15 -9.01 -9.09
CA PRO A 378 29.63 -10.32 -9.56
C PRO A 378 31.14 -10.38 -9.54
N ALA A 379 31.66 -11.53 -9.11
CA ALA A 379 33.10 -11.76 -8.98
C ALA A 379 33.50 -13.14 -9.53
N LYS A 380 34.82 -13.38 -9.57
CA LYS A 380 35.37 -14.63 -10.07
C LYS A 380 35.17 -15.71 -8.99
N ASN A 381 34.34 -16.72 -9.27
CA ASN A 381 33.90 -17.66 -8.23
C ASN A 381 33.81 -19.13 -8.62
N ASN A 382 33.72 -20.00 -7.61
CA ASN A 382 33.50 -21.45 -7.83
C ASN A 382 32.17 -21.95 -7.31
N SER A 383 31.11 -21.19 -7.55
CA SER A 383 29.80 -21.47 -6.95
C SER A 383 29.80 -21.58 -5.43
N PHE A 384 28.67 -22.03 -4.88
CA PHE A 384 28.31 -21.79 -3.48
C PHE A 384 29.06 -22.58 -2.44
N THR A 385 29.65 -21.88 -1.49
CA THR A 385 30.18 -22.53 -0.30
C THR A 385 29.29 -23.68 0.22
N VAL A 386 29.86 -24.87 0.39
CA VAL A 386 29.16 -26.01 1.00
C VAL A 386 28.42 -25.55 2.25
N GLU A 387 29.17 -24.88 3.12
CA GLU A 387 28.68 -24.24 4.33
C GLU A 387 27.30 -23.54 4.07
N ALA A 388 27.19 -22.82 2.94
CA ALA A 388 25.95 -22.11 2.59
C ALA A 388 24.80 -22.99 2.08
N LEU A 389 25.11 -24.01 1.28
CA LEU A 389 24.08 -24.90 0.73
C LEU A 389 23.47 -25.80 1.81
N LYS A 390 24.23 -26.07 2.89
CA LYS A 390 23.70 -26.85 4.03
C LYS A 390 22.59 -26.04 4.70
N GLY A 391 22.89 -24.79 5.05
CA GLY A 391 21.85 -23.85 5.48
C GLY A 391 20.52 -23.96 4.72
N GLN A 392 20.51 -23.67 3.42
CA GLN A 392 19.26 -23.55 2.64
C GLN A 392 18.73 -24.88 2.23
N ALA A 393 19.28 -25.91 2.87
CA ALA A 393 18.88 -27.30 2.73
C ALA A 393 18.18 -27.73 3.99
N GLU A 394 18.89 -27.55 5.11
CA GLU A 394 18.41 -27.91 6.45
C GLU A 394 17.16 -27.17 6.89
N VAL A 395 17.07 -25.90 6.46
CA VAL A 395 15.89 -25.08 6.69
C VAL A 395 14.73 -25.57 5.82
N ARG A 396 14.97 -25.70 4.50
CA ARG A 396 13.93 -26.24 3.62
C ARG A 396 13.44 -27.56 4.23
N ALA A 397 14.37 -28.26 4.88
CA ALA A 397 14.09 -29.51 5.56
C ALA A 397 13.22 -29.32 6.81
N LEU A 398 13.64 -28.41 7.69
CA LEU A 398 12.87 -28.12 8.92
C LEU A 398 11.49 -27.65 8.57
N GLU A 399 11.40 -26.82 7.53
CA GLU A 399 10.12 -26.31 7.03
C GLU A 399 9.15 -27.43 6.70
N ASN A 400 9.61 -28.42 5.93
CA ASN A 400 8.79 -29.55 5.55
C ASN A 400 8.27 -30.27 6.76
N THR A 401 9.17 -30.58 7.69
CA THR A 401 8.84 -31.37 8.86
C THR A 401 7.81 -30.65 9.71
N VAL A 402 8.07 -29.35 9.94
CA VAL A 402 7.19 -28.49 10.70
C VAL A 402 5.84 -28.47 10.04
N HIS A 403 5.84 -28.44 8.72
CA HIS A 403 4.61 -28.40 7.98
C HIS A 403 3.88 -29.74 8.01
N GLU A 404 4.64 -30.83 7.97
CA GLU A 404 4.08 -32.17 8.08
C GLU A 404 3.48 -32.40 9.46
N VAL A 405 4.24 -32.01 10.47
CA VAL A 405 3.78 -32.16 11.84
C VAL A 405 2.52 -31.31 12.09
N THR A 406 2.35 -30.21 11.36
CA THR A 406 1.24 -29.31 11.70
C THR A 406 -0.05 -29.65 10.98
N THR A 407 0.04 -30.19 9.77
CA THR A 407 -1.19 -30.57 9.10
C THR A 407 -1.69 -31.90 9.70
N SER A 408 -0.79 -32.62 10.36
CA SER A 408 -1.17 -33.75 11.19
C SER A 408 -1.96 -33.31 12.43
N ILE A 409 -1.44 -32.32 13.14
CA ILE A 409 -2.16 -31.69 14.25
C ILE A 409 -3.52 -31.19 13.75
N GLY A 410 -3.51 -30.44 12.64
CA GLY A 410 -4.75 -30.05 11.97
C GLY A 410 -5.82 -31.14 11.94
N LYS A 411 -5.50 -32.27 11.30
CA LYS A 411 -6.48 -33.36 11.13
C LYS A 411 -6.98 -33.88 12.51
N ARG A 412 -6.04 -34.22 13.42
CA ARG A 412 -6.38 -34.70 14.77
C ARG A 412 -7.32 -33.72 15.50
N ILE A 413 -6.99 -32.42 15.48
CA ILE A 413 -7.84 -31.37 16.09
C ILE A 413 -9.22 -31.30 15.46
N PHE A 414 -9.25 -31.18 14.12
CA PHE A 414 -10.51 -30.95 13.41
C PHE A 414 -11.41 -32.12 13.59
N ASP A 415 -10.84 -33.32 13.51
CA ASP A 415 -11.58 -34.55 13.71
C ASP A 415 -12.19 -34.61 15.08
N HIS A 416 -11.43 -34.24 16.12
CA HIS A 416 -12.01 -34.27 17.45
C HIS A 416 -13.22 -33.35 17.46
N ALA A 417 -13.01 -32.13 16.99
CA ALA A 417 -14.03 -31.11 16.99
C ALA A 417 -15.29 -31.60 16.29
N ILE A 418 -15.13 -32.31 15.16
CA ILE A 418 -16.28 -32.66 14.29
C ILE A 418 -17.09 -33.85 14.81
N ARG A 419 -16.47 -34.61 15.71
CA ARG A 419 -17.12 -35.72 16.36
C ARG A 419 -17.87 -35.44 17.69
N TYR A 420 -17.53 -34.35 18.40
CA TYR A 420 -18.06 -34.09 19.77
C TYR A 420 -19.61 -33.97 19.83
N PRO A 421 -20.25 -34.56 20.88
CA PRO A 421 -19.62 -35.41 21.91
C PRO A 421 -19.39 -36.85 21.46
N LEU A 436 -1.55 -33.38 21.27
CA LEU A 436 -1.37 -32.71 19.98
C LEU A 436 -0.08 -33.25 19.26
N LEU A 437 1.12 -32.95 19.78
CA LEU A 437 2.39 -33.54 19.25
C LEU A 437 2.62 -35.01 19.58
N LYS A 438 2.57 -35.90 18.58
CA LYS A 438 2.87 -37.33 18.80
C LYS A 438 4.36 -37.57 19.13
N SER A 439 4.72 -38.81 19.47
CA SER A 439 6.13 -39.11 19.72
C SER A 439 6.88 -39.09 18.41
N SER A 440 6.42 -39.89 17.45
CA SER A 440 6.89 -39.89 16.06
C SER A 440 7.35 -38.49 15.59
N ASP A 441 6.55 -37.47 15.93
CA ASP A 441 6.80 -36.06 15.58
C ASP A 441 8.02 -35.45 16.30
N LYS A 442 8.00 -35.49 17.64
CA LYS A 442 9.15 -35.06 18.49
C LYS A 442 10.48 -35.66 17.99
N VAL A 443 10.51 -36.98 17.78
CA VAL A 443 11.67 -37.67 17.19
C VAL A 443 12.22 -36.94 15.95
N MET A 444 11.32 -36.54 15.04
CA MET A 444 11.79 -35.96 13.79
C MET A 444 12.14 -34.47 13.92
N LEU A 445 11.31 -33.69 14.61
CA LEU A 445 11.70 -32.30 14.99
C LEU A 445 13.07 -32.17 15.68
N LYS A 446 13.30 -33.03 16.66
CA LYS A 446 14.54 -33.02 17.42
C LYS A 446 15.73 -33.38 16.52
N ARG A 447 15.45 -34.02 15.39
CA ARG A 447 16.51 -34.35 14.47
C ARG A 447 16.83 -33.16 13.60
N ARG A 448 15.78 -32.44 13.25
CA ARG A 448 15.89 -31.31 12.31
C ARG A 448 16.66 -30.20 12.94
N ILE A 449 16.56 -30.13 14.26
CA ILE A 449 17.21 -29.12 15.07
C ILE A 449 18.68 -29.46 15.22
N LEU A 450 18.99 -30.73 15.49
CA LEU A 450 20.38 -31.15 15.65
C LEU A 450 21.15 -30.90 14.35
N ALA A 451 20.50 -31.24 13.24
CA ALA A 451 20.94 -30.99 11.87
C ALA A 451 21.41 -29.57 11.59
N LEU A 452 21.01 -28.65 12.46
CA LEU A 452 21.16 -27.23 12.21
C LEU A 452 22.26 -26.61 13.03
N ARG A 453 22.99 -27.41 13.81
CA ARG A 453 23.92 -26.85 14.81
C ARG A 453 25.09 -26.13 14.15
N ARG A 454 25.62 -25.12 14.84
CA ARG A 454 26.75 -24.39 14.32
C ARG A 454 28.04 -25.04 14.83
N PRO A 455 28.88 -25.54 13.90
CA PRO A 455 30.19 -26.17 14.15
C PRO A 455 31.14 -25.46 15.11
N GLU A 456 30.65 -25.06 16.29
CA GLU A 456 31.50 -24.64 17.43
C GLU A 456 32.29 -23.35 17.17
N GLY A 457 31.82 -22.24 17.73
CA GLY A 457 32.45 -20.93 17.51
C GLY A 457 32.68 -20.58 16.05
N GLN A 458 32.00 -21.29 15.15
CA GLN A 458 31.96 -20.98 13.72
C GLN A 458 30.93 -19.89 13.51
N LEU A 459 31.30 -18.88 12.72
CA LEU A 459 30.48 -17.68 12.54
C LEU A 459 29.77 -17.64 11.18
N PRO A 460 28.56 -17.02 11.12
CA PRO A 460 27.82 -16.84 9.84
C PRO A 460 28.72 -16.19 8.78
N PRO A 461 28.80 -16.79 7.58
CA PRO A 461 29.81 -16.29 6.65
C PRO A 461 29.55 -14.85 6.16
N ILE A 462 30.56 -14.25 5.53
CA ILE A 462 30.40 -12.95 4.90
C ILE A 462 30.33 -13.08 3.38
N VAL A 463 30.68 -14.26 2.85
CA VAL A 463 30.36 -14.62 1.47
C VAL A 463 29.48 -15.85 1.44
N THR A 464 28.85 -16.02 0.30
CA THR A 464 28.00 -17.15 0.01
C THR A 464 28.65 -18.08 -1.03
N HIS A 465 29.81 -17.68 -1.52
CA HIS A 465 30.46 -18.39 -2.62
C HIS A 465 31.90 -18.74 -2.24
N ASN A 466 32.49 -19.61 -3.05
CA ASN A 466 33.91 -19.86 -2.99
C ASN A 466 34.55 -18.86 -3.93
N MET A 467 35.40 -18.01 -3.37
CA MET A 467 36.02 -16.92 -4.10
C MET A 467 37.34 -17.32 -4.79
N VAL A 468 37.36 -17.31 -6.13
CA VAL A 468 38.60 -17.63 -6.90
C VAL A 468 39.84 -16.94 -6.32
N ASP A 469 39.78 -15.64 -6.08
CA ASP A 469 40.93 -14.98 -5.50
C ASP A 469 40.62 -14.39 -4.15
N ASP A 470 40.26 -15.23 -3.18
CA ASP A 470 39.67 -14.72 -1.93
C ASP A 470 40.54 -13.69 -1.24
N ALA A 471 41.80 -14.06 -0.96
CA ALA A 471 42.66 -13.21 -0.12
C ALA A 471 43.00 -11.83 -0.73
N ASN A 472 42.69 -11.65 -2.01
CA ASN A 472 42.90 -10.37 -2.69
C ASN A 472 41.65 -9.57 -2.98
N ASP A 473 40.52 -10.25 -3.21
CA ASP A 473 39.27 -9.57 -3.54
C ASP A 473 38.96 -8.31 -2.68
N LEU A 474 38.73 -7.18 -3.35
CA LEU A 474 38.67 -5.88 -2.67
C LEU A 474 37.62 -5.78 -1.58
N ILE A 475 36.45 -6.36 -1.87
CA ILE A 475 35.26 -6.24 -1.02
C ILE A 475 35.43 -7.02 0.28
N LEU A 476 35.86 -8.26 0.17
CA LEU A 476 36.11 -9.07 1.36
C LEU A 476 37.20 -8.42 2.22
N ASN A 477 38.20 -7.87 1.54
CA ASN A 477 39.29 -7.24 2.21
C ASN A 477 38.82 -6.08 3.05
N LYS A 478 37.98 -5.23 2.45
CA LYS A 478 37.39 -4.15 3.23
C LYS A 478 36.59 -4.69 4.43
N ILE A 479 35.68 -5.66 4.18
CA ILE A 479 34.81 -6.19 5.24
C ILE A 479 35.62 -6.75 6.39
N ARG A 480 36.72 -7.41 6.04
CA ARG A 480 37.66 -7.96 7.02
C ARG A 480 38.27 -6.86 7.89
N GLN A 481 38.81 -5.83 7.23
CA GLN A 481 39.45 -4.69 7.90
C GLN A 481 38.52 -3.97 8.88
N VAL A 482 37.26 -3.73 8.48
CA VAL A 482 36.31 -3.03 9.36
C VAL A 482 35.70 -3.99 10.37
N GLN A 483 36.12 -5.25 10.28
CA GLN A 483 35.74 -6.35 11.20
C GLN A 483 34.24 -6.53 11.42
N LEU A 484 33.50 -6.71 10.32
CA LEU A 484 32.13 -7.23 10.42
C LEU A 484 32.12 -8.71 10.05
N PHE A 485 32.02 -9.57 11.06
CA PHE A 485 32.10 -11.01 10.85
C PHE A 485 30.81 -11.71 11.32
N ASN A 486 29.75 -10.91 11.44
CA ASN A 486 28.45 -11.39 11.80
C ASN A 486 28.42 -12.06 13.17
N SER A 487 29.34 -11.57 14.01
CA SER A 487 29.32 -11.71 15.46
C SER A 487 27.96 -11.33 16.04
N PRO A 488 27.49 -12.02 17.08
CA PRO A 488 26.12 -11.75 17.52
C PRO A 488 26.00 -10.44 18.29
N SER A 489 27.12 -9.83 18.69
CA SER A 489 27.13 -8.46 19.22
C SER A 489 26.82 -7.43 18.13
N ASP A 490 27.32 -7.67 16.90
CA ASP A 490 27.05 -6.83 15.74
C ASP A 490 25.55 -6.64 15.49
N ARG A 491 25.13 -5.39 15.38
CA ARG A 491 23.80 -5.12 14.85
C ARG A 491 23.72 -5.02 13.30
N VAL A 492 24.84 -4.75 12.65
CA VAL A 492 24.87 -4.78 11.20
C VAL A 492 25.48 -6.10 10.77
N LYS A 493 24.73 -6.87 9.98
CA LYS A 493 25.29 -8.08 9.37
C LYS A 493 25.70 -7.82 7.89
N MET A 494 26.79 -8.44 7.46
CA MET A 494 27.27 -8.31 6.09
C MET A 494 27.10 -9.63 5.33
N ILE A 495 26.48 -9.58 4.15
CA ILE A 495 26.47 -10.74 3.27
C ILE A 495 26.84 -10.32 1.87
N PHE A 496 27.77 -11.04 1.26
CA PHE A 496 28.31 -10.71 -0.06
C PHE A 496 28.03 -11.88 -1.00
N HIS A 497 27.20 -11.62 -2.00
CA HIS A 497 26.74 -12.63 -2.94
C HIS A 497 27.30 -12.28 -4.29
N PRO A 498 28.53 -12.75 -4.59
CA PRO A 498 29.27 -12.32 -5.79
C PRO A 498 28.72 -12.88 -7.10
N GLU A 499 27.41 -12.72 -7.32
CA GLU A 499 26.72 -13.14 -8.54
C GLU A 499 25.45 -12.33 -8.71
N PHE A 500 25.15 -11.97 -9.96
CA PHE A 500 23.84 -11.44 -10.26
C PHE A 500 22.85 -12.53 -9.87
N LEU A 501 21.72 -12.11 -9.34
CA LEU A 501 20.69 -13.02 -8.86
C LEU A 501 19.90 -13.52 -10.02
N ASN A 502 19.62 -14.82 -10.01
CA ASN A 502 18.67 -15.41 -10.92
C ASN A 502 17.66 -16.23 -10.10
N ALA A 503 16.39 -16.19 -10.53
CA ALA A 503 15.23 -16.71 -9.78
C ALA A 503 15.33 -18.15 -9.27
N ASN A 504 15.99 -19.01 -10.01
CA ASN A 504 16.20 -20.36 -9.56
C ASN A 504 17.61 -20.62 -8.95
N ASN A 505 18.19 -19.55 -8.42
CA ASN A 505 19.18 -19.62 -7.35
C ASN A 505 18.67 -20.66 -6.32
N PRO A 506 19.49 -21.66 -5.99
CA PRO A 506 19.10 -22.64 -4.97
C PRO A 506 19.22 -22.07 -3.56
N ILE A 507 19.85 -20.92 -3.45
CA ILE A 507 20.19 -20.35 -2.17
C ILE A 507 19.36 -19.10 -1.99
N LEU A 508 19.42 -18.18 -2.97
CA LEU A 508 18.63 -16.95 -2.91
C LEU A 508 17.62 -16.82 -4.07
N GLY A 509 16.48 -17.47 -3.89
CA GLY A 509 15.61 -17.81 -5.00
C GLY A 509 14.81 -16.67 -5.56
N LEU A 510 15.49 -15.66 -6.09
CA LEU A 510 14.81 -14.48 -6.59
C LEU A 510 15.40 -13.96 -7.90
N ASP A 511 14.54 -13.39 -8.74
CA ASP A 511 14.95 -12.50 -9.80
C ASP A 511 15.46 -11.22 -9.11
N TYR A 512 16.42 -10.51 -9.69
CA TYR A 512 16.90 -9.29 -9.01
C TYR A 512 15.80 -8.30 -8.82
N ASP A 513 14.90 -8.15 -9.81
CA ASP A 513 13.78 -7.23 -9.61
C ASP A 513 12.88 -7.65 -8.44
N GLU A 514 12.86 -8.95 -8.12
CA GLU A 514 12.14 -9.48 -6.97
C GLU A 514 12.92 -9.16 -5.70
N PHE A 515 14.21 -9.55 -5.68
CA PHE A 515 15.10 -9.11 -4.59
C PHE A 515 15.00 -7.60 -4.24
N VAL A 516 14.90 -6.72 -5.22
CA VAL A 516 14.74 -5.30 -4.90
C VAL A 516 13.41 -4.98 -4.21
N ARG A 517 12.28 -5.23 -4.86
CA ARG A 517 10.97 -5.08 -4.19
C ARG A 517 11.02 -5.60 -2.76
N GLY A 518 11.83 -6.66 -2.57
CA GLY A 518 11.98 -7.35 -1.30
C GLY A 518 12.70 -6.59 -0.21
N CYS A 519 13.65 -5.74 -0.58
CA CYS A 519 14.50 -5.04 0.39
C CYS A 519 13.80 -3.85 1.00
N HIS A 520 14.54 -3.06 1.78
CA HIS A 520 13.96 -1.92 2.45
C HIS A 520 14.56 -0.68 1.92
N LEU A 521 15.89 -0.67 1.81
CA LEU A 521 16.65 0.50 1.36
C LEU A 521 17.82 0.13 0.47
N GLY A 522 17.87 0.75 -0.71
CA GLY A 522 19.01 0.59 -1.61
C GLY A 522 20.08 1.65 -1.37
N VAL A 523 21.33 1.22 -1.28
CA VAL A 523 22.44 2.12 -0.99
C VAL A 523 23.46 2.13 -2.14
N PHE A 524 23.43 3.21 -2.91
CA PHE A 524 24.35 3.35 -4.03
C PHE A 524 25.09 4.69 -3.95
N PRO A 525 26.12 4.74 -3.10
CA PRO A 525 26.95 5.89 -2.80
C PRO A 525 28.16 6.06 -3.77
N SER A 526 27.89 6.40 -5.03
CA SER A 526 28.87 6.27 -6.11
C SER A 526 29.97 7.32 -6.12
N TYR A 527 31.07 7.01 -6.83
CA TYR A 527 32.08 8.03 -7.19
C TYR A 527 31.94 8.38 -8.66
N TYR A 528 32.16 7.40 -9.52
CA TYR A 528 31.99 7.62 -10.95
C TYR A 528 30.78 6.90 -11.53
N GLU A 529 29.77 7.64 -11.93
CA GLU A 529 28.57 7.04 -12.45
C GLU A 529 27.78 8.04 -13.30
N PRO A 530 28.02 8.05 -14.61
CA PRO A 530 27.45 8.97 -15.60
C PRO A 530 25.93 9.04 -15.58
N TRP A 531 25.29 7.94 -15.20
CA TRP A 531 23.85 7.90 -14.94
C TRP A 531 23.57 6.96 -13.80
N GLY A 532 23.75 5.68 -14.05
CA GLY A 532 23.57 4.71 -13.00
C GLY A 532 22.13 4.29 -12.98
N TYR A 533 21.85 3.27 -13.78
CA TYR A 533 20.50 2.79 -13.90
C TYR A 533 20.00 2.14 -12.62
N THR A 534 20.91 1.62 -11.78
CA THR A 534 20.45 0.93 -10.55
C THR A 534 19.52 1.79 -9.67
N PRO A 535 19.99 2.97 -9.22
CA PRO A 535 19.20 3.81 -8.33
C PRO A 535 17.89 4.19 -8.98
N ALA A 536 17.94 4.42 -10.27
CA ALA A 536 16.76 4.74 -11.04
C ALA A 536 15.78 3.58 -10.94
N GLU A 537 16.13 2.41 -11.46
CA GLU A 537 15.19 1.30 -11.43
C GLU A 537 14.73 0.92 -10.01
N CYS A 538 15.67 1.01 -9.07
CA CYS A 538 15.37 0.85 -7.68
C CYS A 538 14.17 1.75 -7.27
N THR A 539 14.30 3.06 -7.51
CA THR A 539 13.23 4.06 -7.29
C THR A 539 11.90 3.73 -8.01
N VAL A 540 12.00 3.43 -9.30
CA VAL A 540 10.86 3.00 -10.09
C VAL A 540 10.16 1.80 -9.44
N MET A 541 10.92 0.87 -8.85
CA MET A 541 10.30 -0.24 -8.15
C MET A 541 9.64 0.16 -6.83
N GLY A 542 9.74 1.43 -6.44
CA GLY A 542 9.07 1.92 -5.24
C GLY A 542 9.86 1.68 -3.96
N VAL A 543 11.17 1.48 -4.11
CA VAL A 543 12.14 1.32 -3.03
C VAL A 543 12.97 2.59 -2.80
N PRO A 544 13.09 3.04 -1.55
CA PRO A 544 13.98 4.16 -1.21
C PRO A 544 15.43 3.82 -1.39
N SER A 545 16.19 4.79 -1.90
CA SER A 545 17.57 4.59 -2.29
C SER A 545 18.41 5.76 -1.81
N ILE A 546 19.66 5.50 -1.46
CA ILE A 546 20.61 6.56 -1.21
C ILE A 546 21.47 6.68 -2.44
N THR A 547 21.53 7.88 -2.99
CA THR A 547 22.45 8.16 -4.08
C THR A 547 23.44 9.33 -3.79
N THR A 548 24.16 9.79 -4.81
CA THR A 548 25.16 10.87 -4.63
C THR A 548 25.15 11.85 -5.77
N ASN A 549 25.43 13.13 -5.46
CA ASN A 549 25.34 14.22 -6.45
C ASN A 549 26.35 14.13 -7.60
N VAL A 550 27.36 13.26 -7.46
CA VAL A 550 28.24 12.90 -8.58
C VAL A 550 27.70 11.72 -9.45
N SER A 551 26.54 11.17 -9.08
CA SER A 551 25.85 10.18 -9.88
C SER A 551 24.91 10.86 -10.82
N GLY A 552 25.07 10.53 -12.09
CA GLY A 552 24.18 11.01 -13.14
C GLY A 552 22.76 11.09 -12.63
N PHE A 553 22.26 9.97 -12.14
CA PHE A 553 20.91 9.91 -11.57
C PHE A 553 20.73 10.89 -10.41
N GLY A 554 21.63 10.78 -9.42
CA GLY A 554 21.60 11.64 -8.25
C GLY A 554 21.57 13.13 -8.54
N SER A 555 22.44 13.57 -9.46
CA SER A 555 22.46 14.93 -9.97
C SER A 555 21.10 15.34 -10.54
N TYR A 556 20.64 14.62 -11.55
CA TYR A 556 19.30 14.85 -12.12
C TYR A 556 18.23 14.97 -11.04
N MET A 557 18.28 14.09 -10.04
CA MET A 557 17.28 14.04 -8.99
C MET A 557 17.34 15.22 -8.01
N GLU A 558 18.55 15.55 -7.58
CA GLU A 558 18.81 16.73 -6.75
C GLU A 558 18.18 17.91 -7.43
N ASP A 559 18.57 18.12 -8.70
CA ASP A 559 18.16 19.31 -9.46
C ASP A 559 16.67 19.24 -9.80
N LEU A 560 15.96 18.20 -9.33
CA LEU A 560 14.52 18.01 -9.59
C LEU A 560 13.65 18.32 -8.38
N ILE A 561 13.95 17.68 -7.25
CA ILE A 561 13.27 17.84 -5.96
C ILE A 561 13.77 19.07 -5.21
N GLU A 562 12.87 19.77 -4.51
CA GLU A 562 13.29 20.89 -3.67
C GLU A 562 14.07 20.38 -2.44
N THR A 563 15.41 20.34 -2.57
CA THR A 563 16.40 19.96 -1.51
C THR A 563 15.97 19.16 -0.23
N ASN A 564 15.06 19.72 0.56
CA ASN A 564 14.62 19.16 1.84
C ASN A 564 13.60 18.01 1.71
N GLN A 565 12.66 18.20 0.78
CA GLN A 565 11.59 17.22 0.52
C GLN A 565 12.16 15.95 -0.12
N ALA A 566 13.46 15.98 -0.41
CA ALA A 566 14.20 14.81 -0.90
C ALA A 566 14.10 13.64 0.07
N LYS A 567 14.71 13.83 1.26
CA LYS A 567 14.71 12.82 2.33
C LYS A 567 13.32 12.17 2.52
N ASP A 568 12.26 12.97 2.48
CA ASP A 568 10.90 12.52 2.74
C ASP A 568 10.20 11.96 1.51
N TYR A 569 10.87 12.04 0.37
CA TYR A 569 10.37 11.41 -0.83
C TYR A 569 11.02 10.04 -0.94
N GLY A 570 11.91 9.76 -0.01
CA GLY A 570 12.67 8.52 -0.07
C GLY A 570 13.75 8.50 -1.13
N ILE A 571 14.38 9.65 -1.33
CA ILE A 571 15.68 9.70 -1.99
C ILE A 571 16.66 10.47 -1.14
N TYR A 572 17.68 9.78 -0.69
CA TYR A 572 18.74 10.43 0.04
C TYR A 572 19.85 10.71 -0.96
N ILE A 573 20.13 11.98 -1.19
CA ILE A 573 21.30 12.38 -2.02
C ILE A 573 22.47 12.76 -1.11
N VAL A 574 23.58 12.06 -1.29
CA VAL A 574 24.74 12.25 -0.47
C VAL A 574 25.74 13.05 -1.28
N ASP A 575 26.18 14.18 -0.73
CA ASP A 575 27.16 15.06 -1.38
C ASP A 575 28.58 14.49 -1.31
N ARG A 576 29.11 14.22 -2.48
CA ARG A 576 30.38 13.56 -2.70
C ARG A 576 31.17 14.45 -3.69
N ARG A 577 30.78 15.71 -3.76
CA ARG A 577 31.44 16.67 -4.64
C ARG A 577 32.09 17.81 -3.85
N PHE A 578 31.33 18.42 -2.93
CA PHE A 578 31.80 19.62 -2.21
C PHE A 578 32.28 19.31 -0.80
N LYS A 579 31.96 18.13 -0.28
CA LYS A 579 32.47 17.68 1.03
C LYS A 579 33.79 16.86 1.04
N ALA A 580 34.50 16.94 2.16
CA ALA A 580 35.63 16.05 2.45
C ALA A 580 35.15 14.61 2.36
N PRO A 581 35.92 13.75 1.67
CA PRO A 581 35.56 12.33 1.60
C PRO A 581 35.05 11.78 2.95
N ASP A 582 35.72 12.12 4.05
CA ASP A 582 35.28 11.68 5.37
C ASP A 582 33.99 12.38 5.81
N GLU A 583 33.77 13.61 5.36
CA GLU A 583 32.52 14.27 5.73
C GLU A 583 31.34 13.46 5.15
N SER A 584 31.44 13.12 3.85
CA SER A 584 30.41 12.38 3.08
C SER A 584 30.05 11.09 3.79
N VAL A 585 31.09 10.37 4.19
CA VAL A 585 30.95 9.06 4.81
C VAL A 585 30.06 9.22 6.02
N GLU A 586 30.32 10.26 6.81
CA GLU A 586 29.54 10.52 8.01
C GLU A 586 28.10 10.91 7.68
N GLN A 587 27.86 11.45 6.49
CA GLN A 587 26.52 11.85 6.00
C GLN A 587 25.72 10.64 5.54
N LEU A 588 26.42 9.67 4.96
CA LEU A 588 25.76 8.42 4.61
C LEU A 588 25.35 7.70 5.91
N VAL A 589 26.20 7.81 6.94
CA VAL A 589 25.94 7.12 8.20
C VAL A 589 24.77 7.78 8.89
N ASP A 590 24.65 9.10 8.74
CA ASP A 590 23.50 9.84 9.29
C ASP A 590 22.22 9.34 8.67
N TYR A 591 22.17 9.35 7.33
CA TYR A 591 20.99 8.91 6.61
C TYR A 591 20.59 7.50 6.98
N MET A 592 21.59 6.65 7.23
CA MET A 592 21.34 5.27 7.60
C MET A 592 20.68 5.16 8.97
N GLU A 593 21.32 5.76 9.97
CA GLU A 593 20.76 5.84 11.30
C GLU A 593 19.30 6.36 11.23
N GLU A 594 19.04 7.36 10.38
CA GLU A 594 17.70 7.97 10.30
C GLU A 594 16.68 6.96 9.88
N PHE A 595 17.08 6.14 8.91
CA PHE A 595 16.22 5.11 8.31
C PHE A 595 15.88 4.00 9.32
N VAL A 596 16.90 3.47 10.00
CA VAL A 596 16.73 2.48 11.06
C VAL A 596 15.73 2.98 12.11
N LYS A 597 16.01 4.17 12.65
CA LYS A 597 15.22 4.79 13.73
C LYS A 597 13.82 5.27 13.28
N LYS A 598 13.07 4.44 12.56
CA LYS A 598 11.82 4.89 11.93
C LYS A 598 10.71 3.91 12.21
N THR A 599 9.53 4.43 12.51
CA THR A 599 8.37 3.56 12.76
C THR A 599 7.88 2.90 11.48
N ARG A 600 7.30 1.71 11.60
CA ARG A 600 6.81 0.96 10.45
C ARG A 600 6.02 1.92 9.60
N ARG A 601 5.18 2.74 10.24
CA ARG A 601 4.26 3.63 9.50
C ARG A 601 4.98 4.75 8.76
N GLN A 602 6.05 5.26 9.37
CA GLN A 602 6.95 6.21 8.70
C GLN A 602 7.55 5.65 7.40
N ARG A 603 8.34 4.58 7.54
CA ARG A 603 8.87 3.79 6.41
C ARG A 603 7.91 3.68 5.24
N ILE A 604 6.66 3.31 5.56
CA ILE A 604 5.57 3.19 4.58
C ILE A 604 5.27 4.51 3.84
N ASN A 605 5.09 5.60 4.58
CA ASN A 605 4.74 6.89 3.96
C ASN A 605 5.86 7.37 3.04
N GLN A 606 7.09 7.03 3.42
CA GLN A 606 8.25 7.25 2.57
C GLN A 606 8.14 6.43 1.33
N ARG A 607 8.04 5.11 1.49
CA ARG A 607 7.94 4.24 0.33
C ARG A 607 6.92 4.79 -0.65
N ASN A 608 5.75 5.15 -0.11
CA ASN A 608 4.68 5.73 -0.90
C ASN A 608 5.14 6.91 -1.73
N ALA A 609 5.85 7.85 -1.11
CA ALA A 609 6.40 8.97 -1.89
C ALA A 609 7.38 8.51 -3.00
N THR A 610 8.12 7.43 -2.78
CA THR A 610 9.04 6.99 -3.83
C THR A 610 8.28 6.34 -5.01
N GLU A 611 7.11 5.76 -4.74
CA GLU A 611 6.24 5.26 -5.80
C GLU A 611 5.75 6.44 -6.62
N ALA A 612 5.42 7.51 -5.91
CA ALA A 612 4.90 8.72 -6.52
C ALA A 612 5.92 9.39 -7.41
N LEU A 613 7.20 9.23 -7.08
CA LEU A 613 8.30 9.73 -7.90
C LEU A 613 8.50 8.93 -9.18
N SER A 614 8.01 7.69 -9.19
CA SER A 614 8.26 6.82 -10.32
C SER A 614 7.81 7.46 -11.64
N ASP A 615 6.71 8.24 -11.56
CA ASP A 615 6.13 8.89 -12.74
C ASP A 615 7.03 9.97 -13.37
N LEU A 616 7.82 10.63 -12.55
CA LEU A 616 8.83 11.53 -13.08
C LEU A 616 9.91 10.89 -13.98
N LEU A 617 9.99 9.56 -14.00
CA LEU A 617 11.15 8.88 -14.60
C LEU A 617 10.82 8.14 -15.89
N ASP A 618 9.55 8.15 -16.24
CA ASP A 618 9.11 7.46 -17.44
C ASP A 618 9.57 8.19 -18.69
N TRP A 619 9.85 7.40 -19.71
CA TRP A 619 10.21 7.99 -20.97
C TRP A 619 9.30 9.15 -21.35
N LYS A 620 7.97 9.00 -21.24
CA LYS A 620 7.01 10.07 -21.58
C LYS A 620 7.44 11.48 -21.14
N ARG A 621 8.26 11.56 -20.09
CA ARG A 621 8.70 12.86 -19.61
C ARG A 621 10.18 13.13 -19.96
N MET A 622 11.04 12.14 -19.77
CA MET A 622 12.44 12.27 -20.13
C MET A 622 12.61 12.35 -21.65
N GLY A 623 11.65 11.77 -22.36
CA GLY A 623 11.61 11.78 -23.83
C GLY A 623 11.42 13.15 -24.48
N LEU A 624 10.92 14.12 -23.71
CA LEU A 624 10.68 15.47 -24.24
C LEU A 624 12.02 16.13 -24.40
N GLU A 625 12.95 15.72 -23.56
CA GLU A 625 14.28 16.29 -23.59
C GLU A 625 15.03 15.91 -24.86
N TYR A 626 14.66 14.80 -25.48
CA TYR A 626 15.24 14.42 -26.76
C TYR A 626 14.63 15.32 -27.83
N VAL A 627 13.32 15.58 -27.72
CA VAL A 627 12.61 16.44 -28.66
C VAL A 627 13.10 17.88 -28.58
N LYS A 628 13.52 18.32 -27.40
CA LYS A 628 14.12 19.64 -27.25
C LYS A 628 15.42 19.74 -28.05
N ALA A 629 16.24 18.69 -28.06
CA ALA A 629 17.58 18.75 -28.69
C ALA A 629 17.54 18.65 -30.19
N ARG A 630 16.64 17.81 -30.69
CA ARG A 630 16.45 17.67 -32.12
C ARG A 630 15.92 18.99 -32.70
N GLN A 631 14.94 19.58 -32.01
CA GLN A 631 14.37 20.84 -32.44
C GLN A 631 15.45 21.91 -32.40
N LEU A 632 16.43 21.79 -31.51
CA LEU A 632 17.58 22.67 -31.56
C LEU A 632 18.28 22.48 -32.91
N ALA A 633 18.61 21.23 -33.23
CA ALA A 633 19.31 20.93 -34.48
C ALA A 633 18.54 21.47 -35.69
N LEU A 634 17.26 21.08 -35.79
CA LEU A 634 16.36 21.61 -36.80
C LEU A 634 16.39 23.17 -36.92
N ARG A 635 16.48 23.90 -35.80
CA ARG A 635 16.73 25.36 -35.89
C ARG A 635 18.15 25.72 -36.37
N ARG A 636 19.15 25.77 -35.48
CA ARG A 636 20.57 26.04 -35.86
C ARG A 636 21.03 25.70 -37.30
N GLY A 637 20.49 24.63 -37.88
CA GLY A 637 20.78 24.27 -39.27
C GLY A 637 19.96 25.03 -40.31
N TYR A 638 18.68 25.26 -40.03
CA TYR A 638 17.75 25.88 -41.01
C TYR A 638 17.07 27.14 -40.43
N PRO A 639 17.89 28.14 -40.02
CA PRO A 639 17.36 29.19 -39.14
C PRO A 639 16.22 29.99 -39.73
N ASP A 640 16.32 30.35 -41.02
CA ASP A 640 15.29 31.16 -41.67
C ASP A 640 14.05 30.33 -41.95
N GLN A 641 14.26 29.06 -42.28
CA GLN A 641 13.15 28.14 -42.46
C GLN A 641 12.41 27.99 -41.15
N PHE A 642 13.17 28.06 -40.05
CA PHE A 642 12.66 27.96 -38.69
C PHE A 642 11.85 29.22 -38.35
N ARG A 643 12.52 30.39 -38.36
CA ARG A 643 11.85 31.68 -38.10
C ARG A 643 10.56 31.84 -38.89
N GLU A 644 10.53 31.27 -40.10
CA GLU A 644 9.32 31.25 -40.94
C GLU A 644 8.23 30.30 -40.42
N LEU A 645 8.64 29.21 -39.76
CA LEU A 645 7.69 28.21 -39.28
C LEU A 645 7.01 28.67 -37.99
N VAL A 646 7.82 29.01 -36.99
CA VAL A 646 7.33 29.48 -35.68
C VAL A 646 6.71 30.89 -35.75
N GLY A 647 6.86 31.56 -36.89
CA GLY A 647 6.34 32.92 -37.06
C GLY A 647 7.16 33.99 -36.35
N GLU A 648 8.18 33.58 -35.59
CA GLU A 648 9.04 34.52 -34.85
C GLU A 648 10.44 33.94 -34.58
N GLU A 649 11.37 34.81 -34.17
CA GLU A 649 12.76 34.40 -33.88
C GLU A 649 12.99 34.03 -32.43
N LEU A 650 13.43 32.78 -32.22
CA LEU A 650 13.67 32.25 -30.89
C LEU A 650 15.17 32.06 -30.66
N ASN A 651 15.56 32.11 -29.39
CA ASN A 651 16.94 31.95 -28.94
C ASN A 651 17.53 30.54 -29.23
N ASP A 652 18.67 30.46 -29.93
CA ASP A 652 19.26 29.15 -30.30
C ASP A 652 20.48 28.70 -29.49
N SER A 653 20.90 29.50 -28.50
CA SER A 653 22.24 29.31 -27.91
C SER A 653 22.40 28.13 -26.95
N ASN A 654 21.31 27.42 -26.72
CA ASN A 654 21.19 26.42 -25.66
C ASN A 654 19.79 25.78 -25.79
N MET A 655 19.63 24.54 -25.32
CA MET A 655 18.39 23.76 -25.58
C MET A 655 17.09 24.38 -25.06
N ASP A 656 16.96 24.50 -23.74
CA ASP A 656 15.75 25.04 -23.11
C ASP A 656 15.44 26.45 -23.61
N ALA A 657 16.49 27.26 -23.75
CA ALA A 657 16.40 28.59 -24.30
C ALA A 657 15.30 28.68 -25.38
N LEU A 658 15.39 27.80 -26.41
CA LEU A 658 14.42 27.77 -27.54
C LEU A 658 12.98 27.37 -27.14
N ALA A 659 12.80 26.78 -25.94
CA ALA A 659 11.45 26.56 -25.36
C ALA A 659 11.40 26.89 -23.85
N SER B 22 -11.47 0.02 56.73
CA SER B 22 -10.50 -1.12 56.74
C SER B 22 -10.44 -1.77 55.36
N ARG B 23 -11.34 -1.33 54.48
CA ARG B 23 -11.53 -1.83 53.13
C ARG B 23 -10.38 -1.41 52.25
N ASP B 24 -9.80 -2.32 51.49
CA ASP B 24 -8.68 -1.96 50.57
C ASP B 24 -9.22 -1.35 49.26
N LEU B 25 -8.80 -0.12 49.00
CA LEU B 25 -9.31 0.70 47.90
C LEU B 25 -8.63 0.41 46.58
N GLN B 26 -7.32 0.25 46.63
CA GLN B 26 -6.52 0.03 45.45
C GLN B 26 -6.74 -1.39 44.89
N ASN B 27 -6.52 -2.42 45.71
CA ASN B 27 -6.85 -3.76 45.27
C ASN B 27 -8.34 -4.09 45.51
N HIS B 28 -9.20 -3.67 44.59
CA HIS B 28 -10.64 -3.87 44.72
C HIS B 28 -11.15 -4.88 43.67
N LEU B 29 -12.48 -5.03 43.59
CA LEU B 29 -13.14 -5.95 42.64
C LEU B 29 -14.08 -5.20 41.71
N LEU B 30 -14.42 -5.85 40.61
CA LEU B 30 -15.29 -5.22 39.62
C LEU B 30 -16.48 -6.09 39.20
N PHE B 31 -17.66 -5.52 39.26
CA PHE B 31 -18.84 -6.23 38.79
C PHE B 31 -19.52 -5.36 37.76
N GLU B 32 -19.18 -5.62 36.50
CA GLU B 32 -19.87 -5.01 35.37
C GLU B 32 -21.08 -5.89 35.11
N THR B 33 -22.21 -5.23 34.89
CA THR B 33 -23.52 -5.86 34.85
C THR B 33 -24.34 -5.25 33.74
N ALA B 34 -24.84 -6.09 32.85
CA ALA B 34 -25.80 -5.64 31.86
C ALA B 34 -26.45 -6.88 31.34
N THR B 35 -27.51 -6.67 30.57
CA THR B 35 -28.32 -7.72 29.91
C THR B 35 -27.62 -8.45 28.78
N GLU B 36 -26.98 -7.69 27.89
CA GLU B 36 -26.08 -8.24 26.89
C GLU B 36 -25.06 -9.33 27.30
N VAL B 37 -24.40 -9.27 28.47
CA VAL B 37 -23.32 -10.23 28.74
C VAL B 37 -23.74 -11.65 28.33
N ALA B 38 -23.00 -12.24 27.39
CA ALA B 38 -23.32 -13.58 26.84
C ALA B 38 -24.55 -13.71 25.90
N ASN B 39 -25.13 -12.60 25.44
CA ASN B 39 -26.30 -12.65 24.55
C ASN B 39 -26.73 -11.34 23.96
N ARG B 40 -26.30 -11.08 22.72
CA ARG B 40 -26.60 -9.82 22.05
C ARG B 40 -28.09 -9.55 21.93
N VAL B 41 -28.46 -8.33 22.32
CA VAL B 41 -29.78 -7.74 22.14
C VAL B 41 -29.50 -6.24 21.90
N GLY B 42 -28.68 -5.96 20.89
CA GLY B 42 -28.31 -4.58 20.54
C GLY B 42 -26.82 -4.25 20.62
N GLY B 43 -26.49 -2.96 20.50
CA GLY B 43 -25.11 -2.50 20.37
C GLY B 43 -24.41 -2.16 21.68
N ILE B 44 -24.64 -2.97 22.72
CA ILE B 44 -23.90 -2.89 24.00
C ILE B 44 -22.96 -4.09 24.14
N TYR B 45 -23.52 -5.28 23.91
CA TYR B 45 -22.75 -6.52 23.75
C TYR B 45 -21.44 -6.29 23.04
N SER B 46 -21.49 -5.40 22.06
CA SER B 46 -20.34 -4.91 21.32
C SER B 46 -19.25 -4.38 22.28
N VAL B 47 -19.61 -3.34 23.05
CA VAL B 47 -18.74 -2.68 24.03
C VAL B 47 -18.18 -3.63 25.08
N LEU B 48 -19.06 -4.21 25.89
CA LEU B 48 -18.62 -5.12 26.96
C LEU B 48 -17.60 -6.14 26.44
N LYS B 49 -17.84 -6.62 25.22
CA LYS B 49 -16.97 -7.58 24.52
C LYS B 49 -15.58 -7.04 24.14
N SER B 50 -15.54 -5.94 23.38
CA SER B 50 -14.24 -5.37 23.01
C SER B 50 -13.46 -4.81 24.22
N LYS B 51 -14.21 -4.28 25.20
CA LYS B 51 -13.64 -3.83 26.50
C LYS B 51 -13.03 -4.98 27.34
N ALA B 52 -13.62 -6.17 27.24
CA ALA B 52 -13.09 -7.33 27.94
C ALA B 52 -11.56 -7.45 27.98
N PRO B 53 -10.91 -7.60 26.80
CA PRO B 53 -9.51 -7.92 27.02
C PRO B 53 -8.75 -6.90 27.86
N ILE B 54 -8.87 -5.60 27.57
CA ILE B 54 -8.11 -4.65 28.39
C ILE B 54 -8.52 -4.64 29.90
N THR B 55 -9.77 -4.98 30.23
CA THR B 55 -10.14 -5.02 31.64
C THR B 55 -9.68 -6.29 32.32
N VAL B 56 -9.80 -7.42 31.64
CA VAL B 56 -9.28 -8.67 32.18
C VAL B 56 -7.76 -8.55 32.42
N ALA B 57 -7.08 -7.91 31.48
CA ALA B 57 -5.69 -7.56 31.64
C ALA B 57 -5.46 -6.82 32.96
N GLN B 58 -6.37 -5.93 33.28
CA GLN B 58 -6.26 -5.08 34.45
C GLN B 58 -6.62 -5.89 35.68
N TYR B 59 -7.83 -6.46 35.74
CA TYR B 59 -8.36 -7.18 36.94
C TYR B 59 -8.15 -8.70 37.06
N LYS B 60 -7.67 -9.34 35.99
CA LYS B 60 -7.61 -10.81 35.87
C LYS B 60 -8.84 -11.49 36.42
N ASP B 61 -8.74 -12.06 37.63
CA ASP B 61 -9.88 -12.77 38.16
C ASP B 61 -10.66 -12.05 39.22
N HIS B 62 -10.47 -10.73 39.30
CA HIS B 62 -11.31 -9.85 40.13
C HIS B 62 -12.50 -9.29 39.34
N TYR B 63 -12.40 -9.39 38.01
CA TYR B 63 -13.45 -8.92 37.13
C TYR B 63 -14.50 -10.02 36.99
N HIS B 64 -15.79 -9.66 37.07
CA HIS B 64 -16.92 -10.56 36.81
C HIS B 64 -18.02 -9.80 36.09
N LEU B 65 -18.47 -10.32 34.95
CA LEU B 65 -19.66 -9.78 34.31
C LEU B 65 -20.88 -10.52 34.85
N ILE B 66 -22.00 -9.84 34.85
CA ILE B 66 -23.18 -10.33 35.52
C ILE B 66 -24.35 -9.95 34.63
N GLY B 67 -25.13 -10.95 34.25
CA GLY B 67 -26.35 -10.66 33.54
C GLY B 67 -27.30 -11.84 33.50
N PRO B 68 -28.48 -11.58 32.93
CA PRO B 68 -29.56 -12.54 32.84
C PRO B 68 -29.15 -13.68 31.93
N LEU B 69 -29.33 -14.91 32.39
CA LEU B 69 -29.08 -16.10 31.58
C LEU B 69 -30.08 -16.25 30.43
N ASN B 70 -29.57 -16.21 29.20
CA ASN B 70 -30.46 -16.43 28.06
C ASN B 70 -30.52 -17.92 27.82
N LYS B 71 -31.49 -18.58 28.44
CA LYS B 71 -31.47 -20.03 28.54
C LYS B 71 -31.33 -20.74 27.16
N ALA B 72 -31.44 -19.95 26.08
CA ALA B 72 -31.17 -20.43 24.71
C ALA B 72 -29.67 -20.39 24.36
N THR B 73 -29.28 -19.27 23.73
CA THR B 73 -27.94 -19.03 23.19
C THR B 73 -26.76 -19.24 24.16
N TYR B 74 -26.95 -18.86 25.42
CA TYR B 74 -25.95 -19.04 26.48
C TYR B 74 -25.06 -20.28 26.38
N GLN B 75 -25.58 -21.33 25.78
CA GLN B 75 -24.88 -22.60 25.73
C GLN B 75 -23.78 -22.61 24.67
N ASN B 76 -24.03 -21.91 23.56
CA ASN B 76 -23.06 -21.64 22.52
C ASN B 76 -21.93 -20.77 23.01
N GLU B 77 -22.24 -19.91 23.98
CA GLU B 77 -21.44 -18.72 24.31
C GLU B 77 -20.52 -18.83 25.51
N VAL B 78 -20.87 -19.70 26.44
CA VAL B 78 -20.25 -19.66 27.75
C VAL B 78 -19.54 -20.97 28.07
N ASP B 79 -18.25 -20.87 28.36
CA ASP B 79 -17.49 -22.01 28.81
C ASP B 79 -17.95 -22.24 30.25
N ILE B 80 -19.06 -22.95 30.39
CA ILE B 80 -19.65 -23.26 31.70
C ILE B 80 -18.72 -24.06 32.68
N LEU B 81 -18.77 -23.64 33.94
CA LEU B 81 -17.79 -24.06 34.90
C LEU B 81 -18.39 -24.44 36.25
N ASP B 82 -17.76 -25.44 36.87
CA ASP B 82 -18.18 -25.91 38.19
C ASP B 82 -17.36 -25.18 39.24
N TRP B 83 -18.08 -24.34 39.96
CA TRP B 83 -17.51 -23.36 40.86
C TRP B 83 -17.37 -23.84 42.30
N LYS B 84 -17.94 -25.01 42.56
CA LYS B 84 -17.91 -25.62 43.86
C LYS B 84 -16.47 -26.08 44.20
N LYS B 85 -15.75 -26.59 43.20
CA LYS B 85 -14.32 -26.96 43.38
C LYS B 85 -13.50 -25.87 44.09
N PRO B 86 -12.76 -26.24 45.16
CA PRO B 86 -11.77 -25.41 45.84
C PRO B 86 -10.92 -24.57 44.90
N GLU B 87 -10.47 -25.15 43.80
CA GLU B 87 -9.59 -24.45 42.86
C GLU B 87 -10.34 -23.53 41.89
N ALA B 88 -11.68 -23.53 41.92
CA ALA B 88 -12.46 -22.59 41.09
C ALA B 88 -12.26 -21.13 41.47
N PHE B 89 -11.81 -20.89 42.70
CA PHE B 89 -11.44 -19.55 43.14
C PHE B 89 -10.10 -19.59 43.85
N SER B 90 -9.82 -18.52 44.58
CA SER B 90 -8.60 -18.47 45.36
C SER B 90 -8.96 -17.95 46.74
N ASP B 91 -8.13 -18.28 47.71
CA ASP B 91 -8.34 -17.79 49.04
C ASP B 91 -8.86 -16.36 48.96
N GLU B 92 -8.14 -15.50 48.24
CA GLU B 92 -8.49 -14.08 48.16
C GLU B 92 -9.95 -13.83 47.74
N MET B 93 -10.43 -14.65 46.80
CA MET B 93 -11.74 -14.46 46.16
C MET B 93 -12.79 -15.46 46.63
N ARG B 94 -12.43 -16.27 47.64
CA ARG B 94 -13.34 -17.25 48.24
C ARG B 94 -14.71 -16.65 48.50
N PRO B 95 -14.74 -15.43 49.09
CA PRO B 95 -16.01 -14.82 49.46
C PRO B 95 -17.02 -14.88 48.34
N VAL B 96 -16.57 -14.79 47.09
CA VAL B 96 -17.51 -14.87 45.95
C VAL B 96 -18.11 -16.27 45.85
N GLN B 97 -17.26 -17.29 46.01
CA GLN B 97 -17.71 -18.69 46.04
C GLN B 97 -18.81 -18.85 47.09
N HIS B 98 -18.45 -18.54 48.33
CA HIS B 98 -19.41 -18.60 49.42
C HIS B 98 -20.62 -17.81 48.99
N ALA B 99 -20.41 -16.57 48.56
CA ALA B 99 -21.49 -15.65 48.14
C ALA B 99 -22.46 -16.30 47.15
N LEU B 100 -21.93 -17.27 46.40
CA LEU B 100 -22.70 -18.04 45.43
C LEU B 100 -23.40 -19.26 46.06
N GLN B 101 -22.70 -20.02 46.93
CA GLN B 101 -23.31 -21.14 47.67
C GLN B 101 -24.65 -20.69 48.27
N THR B 102 -24.58 -19.60 49.03
CA THR B 102 -25.72 -18.93 49.64
C THR B 102 -26.80 -18.64 48.60
N MET B 103 -26.39 -18.07 47.48
CA MET B 103 -27.33 -17.68 46.42
C MET B 103 -28.15 -18.85 45.87
N GLU B 104 -27.51 -20.03 45.79
CA GLU B 104 -28.16 -21.23 45.25
C GLU B 104 -29.11 -21.82 46.25
N SER B 105 -28.67 -21.84 47.52
CA SER B 105 -29.45 -22.28 48.69
C SER B 105 -30.85 -21.68 48.78
N ARG B 106 -30.97 -20.36 48.79
CA ARG B 106 -32.33 -19.82 48.74
C ARG B 106 -33.05 -20.01 47.38
N GLY B 107 -32.51 -20.92 46.56
CA GLY B 107 -33.19 -21.41 45.34
C GLY B 107 -32.96 -20.56 44.11
N VAL B 108 -31.76 -20.02 44.01
CA VAL B 108 -31.41 -19.16 42.89
C VAL B 108 -30.54 -19.96 41.93
N HIS B 109 -30.97 -20.03 40.67
CA HIS B 109 -30.22 -20.77 39.65
C HIS B 109 -29.46 -19.80 38.75
N PHE B 110 -28.17 -20.08 38.60
CA PHE B 110 -27.29 -19.22 37.82
C PHE B 110 -26.22 -20.10 37.19
N VAL B 111 -25.64 -19.63 36.10
CA VAL B 111 -24.51 -20.30 35.45
C VAL B 111 -23.23 -19.52 35.68
N TYR B 112 -22.17 -20.21 36.12
CA TYR B 112 -20.88 -19.56 36.28
C TYR B 112 -19.91 -20.11 35.25
N GLY B 113 -19.31 -19.23 34.45
CA GLY B 113 -18.19 -19.65 33.62
C GLY B 113 -17.30 -18.52 33.11
N ARG B 114 -16.44 -18.87 32.16
CA ARG B 114 -15.84 -17.90 31.25
C ARG B 114 -16.69 -17.69 29.98
N TRP B 115 -16.78 -16.43 29.55
CA TRP B 115 -17.50 -16.06 28.36
C TRP B 115 -16.45 -16.25 27.27
N LEU B 116 -16.80 -16.98 26.21
CA LEU B 116 -15.82 -17.27 25.15
C LEU B 116 -15.66 -16.14 24.14
N ILE B 117 -15.24 -14.97 24.61
CA ILE B 117 -14.76 -13.91 23.74
C ILE B 117 -13.24 -13.77 24.01
N GLU B 118 -12.52 -12.98 23.21
CA GLU B 118 -11.10 -12.79 23.46
C GLU B 118 -11.01 -12.25 24.88
N GLY B 119 -10.06 -12.78 25.65
CA GLY B 119 -9.89 -12.37 27.06
C GLY B 119 -10.68 -13.25 28.02
N ALA B 120 -11.71 -13.87 27.48
CA ALA B 120 -12.48 -14.85 28.20
C ALA B 120 -12.73 -14.49 29.67
N PRO B 121 -13.33 -13.30 29.91
CA PRO B 121 -13.63 -12.80 31.26
C PRO B 121 -14.68 -13.68 31.93
N LYS B 122 -14.80 -13.59 33.25
CA LYS B 122 -15.73 -14.47 33.99
C LYS B 122 -17.17 -13.99 34.01
N VAL B 123 -18.11 -14.92 34.10
CA VAL B 123 -19.52 -14.51 34.07
C VAL B 123 -20.39 -15.18 35.11
N ILE B 124 -21.40 -14.44 35.57
CA ILE B 124 -22.43 -14.93 36.48
C ILE B 124 -23.75 -14.64 35.80
N LEU B 125 -24.48 -15.71 35.49
CA LEU B 125 -25.68 -15.57 34.67
C LEU B 125 -26.93 -16.13 35.36
N PHE B 126 -27.75 -15.22 35.88
CA PHE B 126 -28.89 -15.57 36.72
C PHE B 126 -30.09 -16.08 35.93
N ASP B 127 -30.58 -17.27 36.30
CA ASP B 127 -31.76 -17.83 35.67
C ASP B 127 -32.95 -16.97 36.05
N LEU B 128 -33.36 -16.08 35.16
CA LEU B 128 -34.41 -15.13 35.52
C LEU B 128 -35.77 -15.70 35.89
N ASP B 129 -36.08 -16.93 35.43
CA ASP B 129 -37.32 -17.64 35.83
C ASP B 129 -37.17 -18.28 37.19
N SER B 130 -35.94 -18.63 37.56
CA SER B 130 -35.65 -19.35 38.80
C SER B 130 -35.96 -18.53 40.04
N VAL B 131 -36.45 -17.32 39.81
CA VAL B 131 -36.80 -16.38 40.88
C VAL B 131 -38.10 -15.60 40.66
N ARG B 132 -38.85 -15.88 39.59
CA ARG B 132 -40.11 -15.13 39.37
C ARG B 132 -41.17 -15.40 40.44
N GLY B 133 -40.96 -16.50 41.19
CA GLY B 133 -41.75 -16.84 42.38
C GLY B 133 -41.39 -15.99 43.58
N TYR B 134 -40.89 -14.77 43.29
CA TYR B 134 -40.63 -13.71 44.24
C TYR B 134 -41.11 -12.46 43.56
N SER B 135 -41.88 -12.60 42.49
CA SER B 135 -42.04 -11.46 41.59
C SER B 135 -42.84 -10.26 42.13
N ASN B 136 -44.13 -10.47 42.45
CA ASN B 136 -45.00 -9.41 43.00
C ASN B 136 -44.35 -8.72 44.17
N GLU B 137 -43.90 -9.51 45.14
CA GLU B 137 -43.23 -8.98 46.30
C GLU B 137 -42.22 -7.88 45.93
N TRP B 138 -41.50 -8.10 44.83
CA TRP B 138 -40.49 -7.14 44.37
C TRP B 138 -41.04 -5.96 43.58
N LYS B 139 -41.88 -6.24 42.58
CA LYS B 139 -42.59 -5.20 41.83
C LYS B 139 -43.30 -4.25 42.82
N GLY B 140 -43.71 -4.83 43.96
CA GLY B 140 -44.30 -4.12 45.08
C GLY B 140 -43.30 -3.24 45.77
N ASP B 141 -42.26 -3.86 46.33
CA ASP B 141 -41.14 -3.16 47.00
C ASP B 141 -40.58 -2.01 46.19
N LEU B 142 -40.59 -2.16 44.86
CA LEU B 142 -39.95 -1.19 43.99
C LEU B 142 -40.80 0.01 43.66
N TRP B 143 -42.04 -0.24 43.23
CA TRP B 143 -42.98 0.84 42.95
C TRP B 143 -43.42 1.52 44.25
N SER B 144 -42.79 1.07 45.34
CA SER B 144 -42.79 1.75 46.62
C SER B 144 -41.84 2.94 46.50
N LEU B 145 -40.97 2.89 45.48
CA LEU B 145 -40.05 3.98 45.14
C LEU B 145 -40.36 4.62 43.77
N VAL B 146 -41.66 4.66 43.41
CA VAL B 146 -42.20 5.43 42.25
C VAL B 146 -43.74 5.73 42.39
N GLY B 147 -44.48 4.87 43.08
CA GLY B 147 -45.95 5.01 43.20
C GLY B 147 -46.79 3.94 42.52
N ILE B 148 -47.31 4.26 41.33
CA ILE B 148 -48.39 3.50 40.64
C ILE B 148 -48.01 2.18 39.92
N PRO B 149 -48.19 0.98 40.58
CA PRO B 149 -47.76 -0.28 39.90
C PRO B 149 -48.44 -0.51 38.52
N SER B 150 -47.75 -0.08 37.46
CA SER B 150 -48.29 -0.09 36.09
C SER B 150 -48.01 -1.43 35.40
N PRO B 151 -48.99 -1.95 34.60
CA PRO B 151 -49.17 -3.35 34.15
C PRO B 151 -48.07 -4.41 34.41
N GLU B 152 -48.43 -5.45 35.15
CA GLU B 152 -47.60 -6.65 35.28
C GLU B 152 -47.53 -7.39 33.93
N ASN B 153 -47.94 -6.69 32.86
CA ASN B 153 -47.95 -7.23 31.49
C ASN B 153 -47.06 -6.42 30.52
N ASP B 154 -45.73 -6.55 30.73
CA ASP B 154 -44.67 -5.97 29.89
C ASP B 154 -43.35 -6.55 30.39
N PHE B 155 -43.01 -7.75 29.89
CA PHE B 155 -41.80 -8.52 30.29
C PHE B 155 -40.56 -7.67 30.54
N GLU B 156 -40.35 -6.70 29.63
CA GLU B 156 -39.23 -5.74 29.63
C GLU B 156 -38.88 -5.26 31.03
N THR B 157 -39.89 -4.69 31.70
CA THR B 157 -39.75 -4.17 33.06
C THR B 157 -39.71 -5.31 34.09
N ASN B 158 -40.48 -6.37 33.87
CA ASN B 158 -40.52 -7.49 34.82
C ASN B 158 -39.13 -8.10 35.04
N ASP B 159 -38.49 -8.45 33.92
CA ASP B 159 -37.15 -9.01 33.91
C ASP B 159 -36.09 -8.03 34.49
N ALA B 160 -36.18 -6.77 34.06
CA ALA B 160 -35.33 -5.70 34.60
C ALA B 160 -35.41 -5.57 36.13
N ILE B 161 -36.63 -5.72 36.64
CA ILE B 161 -36.90 -5.85 38.08
C ILE B 161 -36.32 -7.16 38.59
N LEU B 162 -36.85 -8.28 38.07
CA LEU B 162 -36.42 -9.62 38.49
C LEU B 162 -34.91 -9.81 38.59
N LEU B 163 -34.19 -9.23 37.62
CA LEU B 163 -32.73 -9.27 37.60
C LEU B 163 -32.19 -8.29 38.64
N GLY B 164 -32.62 -7.03 38.55
CA GLY B 164 -32.18 -5.98 39.46
C GLY B 164 -32.11 -6.44 40.91
N TYR B 165 -33.12 -7.17 41.36
CA TYR B 165 -33.14 -7.59 42.76
C TYR B 165 -32.15 -8.70 43.03
N THR B 166 -32.11 -9.69 42.15
CA THR B 166 -31.14 -10.77 42.31
C THR B 166 -29.71 -10.25 42.37
N VAL B 167 -29.42 -9.25 41.53
CA VAL B 167 -28.07 -8.69 41.45
C VAL B 167 -27.79 -7.90 42.72
N ALA B 168 -28.75 -7.09 43.13
CA ALA B 168 -28.62 -6.37 44.40
C ALA B 168 -28.44 -7.40 45.52
N TRP B 169 -29.21 -8.48 45.45
CA TRP B 169 -29.19 -9.54 46.45
C TRP B 169 -27.79 -10.19 46.51
N PHE B 170 -27.17 -10.39 45.34
CA PHE B 170 -25.85 -11.01 45.22
C PHE B 170 -24.71 -10.15 45.82
N LEU B 171 -24.75 -8.85 45.53
CA LEU B 171 -23.69 -7.95 46.00
C LEU B 171 -23.77 -7.78 47.50
N GLY B 172 -25.00 -7.64 48.02
CA GLY B 172 -25.22 -7.53 49.46
C GLY B 172 -24.44 -8.61 50.18
N GLU B 173 -24.61 -9.82 49.64
CA GLU B 173 -23.94 -11.00 50.13
C GLU B 173 -22.44 -11.06 49.89
N VAL B 174 -21.93 -10.28 48.93
CA VAL B 174 -20.47 -10.19 48.77
C VAL B 174 -19.93 -9.10 49.69
N ALA B 175 -20.68 -7.99 49.74
CA ALA B 175 -20.45 -6.92 50.69
C ALA B 175 -20.24 -7.59 52.02
N HIS B 176 -21.20 -8.43 52.39
CA HIS B 176 -21.13 -9.16 53.66
C HIS B 176 -19.93 -10.10 53.81
N LEU B 177 -19.89 -11.12 52.97
CA LEU B 177 -18.79 -12.04 53.04
C LEU B 177 -17.37 -11.44 52.76
N ASP B 178 -17.24 -10.43 51.88
CA ASP B 178 -15.91 -9.86 51.58
C ASP B 178 -15.51 -8.68 52.48
N SER B 179 -14.32 -8.75 53.07
CA SER B 179 -13.88 -7.73 54.03
C SER B 179 -12.45 -7.27 53.73
N GLN B 180 -12.05 -7.37 52.48
CA GLN B 180 -10.67 -7.13 52.10
C GLN B 180 -10.58 -6.04 51.05
N HIS B 181 -11.34 -6.24 49.97
CA HIS B 181 -11.37 -5.29 48.86
C HIS B 181 -12.60 -4.44 48.99
N ALA B 182 -12.51 -3.21 48.47
CA ALA B 182 -13.71 -2.43 48.17
C ALA B 182 -14.41 -3.09 46.99
N ILE B 183 -15.71 -2.87 46.86
CA ILE B 183 -16.40 -3.42 45.70
C ILE B 183 -16.89 -2.29 44.79
N VAL B 184 -16.51 -2.34 43.51
CA VAL B 184 -17.04 -1.43 42.49
C VAL B 184 -18.10 -2.11 41.57
N ALA B 185 -19.34 -1.62 41.56
CA ALA B 185 -20.36 -2.22 40.69
C ALA B 185 -20.98 -1.31 39.62
N HIS B 186 -20.46 -1.47 38.39
CA HIS B 186 -20.82 -0.73 37.17
C HIS B 186 -22.05 -1.31 36.49
N PHE B 187 -23.03 -0.48 36.20
CA PHE B 187 -24.27 -0.98 35.63
C PHE B 187 -24.48 -0.34 34.28
N HIS B 188 -24.87 -1.12 33.28
CA HIS B 188 -24.97 -0.61 31.94
C HIS B 188 -26.38 -0.61 31.43
N GLU B 189 -26.89 0.57 31.12
CA GLU B 189 -28.22 0.74 30.53
C GLU B 189 -29.33 0.51 31.56
N TRP B 190 -30.46 1.17 31.38
CA TRP B 190 -31.54 1.05 32.38
C TRP B 190 -31.94 -0.37 32.79
N LEU B 191 -32.13 -1.26 31.82
CA LEU B 191 -32.61 -2.64 32.11
C LEU B 191 -31.82 -3.38 33.20
N ALA B 192 -30.58 -2.97 33.45
CA ALA B 192 -29.76 -3.59 34.49
C ALA B 192 -29.70 -2.73 35.76
N GLY B 193 -30.03 -1.46 35.60
CA GLY B 193 -29.97 -0.49 36.68
C GLY B 193 -31.01 -0.49 37.81
N VAL B 194 -31.93 -1.46 37.80
CA VAL B 194 -32.84 -1.59 38.95
C VAL B 194 -32.04 -1.80 40.25
N ALA B 195 -31.09 -2.73 40.24
CA ALA B 195 -30.22 -2.95 41.40
C ALA B 195 -29.60 -1.69 42.03
N LEU B 196 -29.72 -0.55 41.33
CA LEU B 196 -29.09 0.72 41.74
C LEU B 196 -29.80 1.46 42.88
N PRO B 197 -31.09 1.83 42.65
CA PRO B 197 -31.81 2.37 43.79
C PRO B 197 -31.67 1.48 45.01
N LEU B 198 -31.95 0.18 44.85
CA LEU B 198 -31.89 -0.80 45.93
C LEU B 198 -30.61 -0.69 46.74
N CYS B 199 -29.48 -0.73 46.03
CA CYS B 199 -28.15 -0.53 46.61
C CYS B 199 -28.02 0.73 47.50
N ARG B 200 -28.51 1.86 46.96
CA ARG B 200 -28.42 3.12 47.65
C ARG B 200 -29.19 2.97 48.97
N LYS B 201 -30.51 2.61 48.87
CA LYS B 201 -31.42 2.38 50.04
C LYS B 201 -30.83 1.38 51.06
N ARG B 202 -30.66 0.12 50.66
CA ARG B 202 -30.12 -0.87 51.60
C ARG B 202 -28.68 -0.56 52.08
N ARG B 203 -28.18 0.66 51.85
CA ARG B 203 -26.76 1.06 52.12
C ARG B 203 -25.72 -0.12 52.21
N ILE B 204 -25.45 -0.70 51.04
CA ILE B 204 -24.59 -1.87 50.88
C ILE B 204 -23.18 -1.38 50.63
N ASP B 205 -22.17 -1.98 51.27
CA ASP B 205 -20.78 -1.45 51.14
C ASP B 205 -20.05 -1.70 49.79
N VAL B 206 -20.79 -1.47 48.70
CA VAL B 206 -20.22 -1.35 47.35
C VAL B 206 -20.42 0.08 46.80
N VAL B 207 -19.54 0.50 45.88
CA VAL B 207 -19.68 1.83 45.23
C VAL B 207 -20.10 1.67 43.78
N THR B 208 -21.00 2.54 43.33
CA THR B 208 -21.66 2.28 42.05
C THR B 208 -21.59 3.31 40.91
N ILE B 209 -21.55 2.76 39.69
CA ILE B 209 -21.44 3.52 38.47
C ILE B 209 -22.62 3.18 37.53
N PHE B 210 -23.08 4.20 36.81
CA PHE B 210 -24.07 3.98 35.81
C PHE B 210 -23.64 4.67 34.54
N THR B 211 -23.54 3.86 33.50
CA THR B 211 -23.37 4.33 32.18
C THR B 211 -24.71 4.14 31.51
N THR B 212 -25.32 5.23 31.05
CA THR B 212 -26.43 5.11 30.10
C THR B 212 -25.89 5.31 28.69
N HIS B 213 -26.34 4.39 27.84
CA HIS B 213 -25.80 4.22 26.50
C HIS B 213 -26.56 5.04 25.50
N ALA B 214 -27.62 5.66 26.00
CA ALA B 214 -28.57 6.45 25.28
C ALA B 214 -29.82 6.43 26.13
N THR B 215 -30.40 7.61 26.26
CA THR B 215 -31.61 7.82 27.04
C THR B 215 -32.86 7.32 26.28
N LEU B 216 -33.90 6.97 27.05
CA LEU B 216 -35.15 6.46 26.50
C LEU B 216 -35.95 7.48 25.69
N LEU B 217 -35.98 8.73 26.12
CA LEU B 217 -36.80 9.71 25.42
C LEU B 217 -36.02 10.24 24.25
N GLY B 218 -34.79 9.78 24.08
CA GLY B 218 -33.93 10.27 23.00
C GLY B 218 -34.20 9.50 21.73
N ARG B 219 -34.19 8.17 21.86
CA ARG B 219 -34.57 7.27 20.79
C ARG B 219 -36.01 7.59 20.37
N TYR B 220 -36.88 7.78 21.36
CA TYR B 220 -38.30 8.01 21.14
C TYR B 220 -38.66 9.34 20.45
N LEU B 221 -38.21 10.46 21.03
CA LEU B 221 -38.41 11.81 20.44
C LEU B 221 -37.68 12.07 19.11
N CYS B 222 -37.00 11.07 18.56
CA CYS B 222 -36.28 11.22 17.28
C CYS B 222 -36.79 10.27 16.21
N ALA B 223 -37.22 9.08 16.64
CA ALA B 223 -37.99 8.15 15.79
C ALA B 223 -39.42 8.70 15.63
N SER B 224 -39.76 9.66 16.49
CA SER B 224 -40.97 10.48 16.33
C SER B 224 -40.90 11.36 15.08
N GLY B 225 -39.76 11.33 14.36
CA GLY B 225 -39.50 12.23 13.23
C GLY B 225 -39.72 13.65 13.72
N SER B 226 -39.94 14.59 12.80
CA SER B 226 -40.43 15.97 13.10
C SER B 226 -39.87 16.72 14.34
N PHE B 227 -40.17 16.19 15.54
CA PHE B 227 -39.72 16.72 16.84
C PHE B 227 -38.35 17.37 16.77
N ASP B 228 -38.35 18.70 16.61
CA ASP B 228 -37.14 19.52 16.56
C ASP B 228 -36.33 19.33 17.85
N PHE B 229 -35.47 18.30 17.81
CA PHE B 229 -34.83 17.73 19.00
C PHE B 229 -33.76 18.66 19.54
N TYR B 230 -32.53 18.54 19.05
CA TYR B 230 -31.35 19.12 19.72
C TYR B 230 -31.49 20.58 20.20
N ASN B 231 -32.52 21.26 19.67
CA ASN B 231 -32.90 22.62 20.04
C ASN B 231 -33.94 22.71 21.17
N CYS B 232 -35.20 22.40 20.85
CA CYS B 232 -36.29 22.42 21.85
C CYS B 232 -36.07 21.39 22.98
N LEU B 233 -34.99 21.59 23.73
CA LEU B 233 -34.44 20.55 24.62
C LEU B 233 -34.57 20.90 26.11
N GLU B 234 -34.04 22.06 26.51
CA GLU B 234 -34.35 22.64 27.84
C GLU B 234 -35.87 22.66 28.09
N SER B 235 -36.60 22.91 27.00
CA SER B 235 -38.02 23.19 27.01
C SER B 235 -38.85 21.98 26.59
N VAL B 236 -38.99 21.03 27.51
CA VAL B 236 -39.93 19.94 27.36
C VAL B 236 -40.15 19.19 28.67
N ASP B 237 -41.42 18.97 28.98
CA ASP B 237 -41.86 18.26 30.17
C ASP B 237 -41.50 16.79 29.96
N VAL B 238 -40.57 16.29 30.78
CA VAL B 238 -40.17 14.88 30.75
C VAL B 238 -41.34 13.94 31.04
N ASP B 239 -42.20 14.37 31.96
CA ASP B 239 -43.33 13.59 32.47
C ASP B 239 -44.45 13.34 31.46
N HIS B 240 -45.05 14.43 30.96
CA HIS B 240 -46.14 14.32 30.00
C HIS B 240 -45.65 13.50 28.79
N GLU B 241 -44.41 13.74 28.38
CA GLU B 241 -43.85 13.12 27.21
C GLU B 241 -43.58 11.62 27.32
N ALA B 242 -43.26 11.14 28.51
CA ALA B 242 -43.01 9.70 28.71
C ALA B 242 -44.30 8.86 28.66
N GLY B 243 -45.32 9.31 29.40
CA GLY B 243 -46.61 8.64 29.43
C GLY B 243 -47.48 8.99 28.23
N ARG B 244 -46.99 9.88 27.37
CA ARG B 244 -47.62 10.14 26.08
C ARG B 244 -47.20 9.07 25.07
N PHE B 245 -46.00 8.51 25.28
CA PHE B 245 -45.55 7.37 24.50
C PHE B 245 -45.91 6.11 25.29
N GLY B 246 -46.05 6.26 26.61
CA GLY B 246 -46.47 5.18 27.50
C GLY B 246 -45.37 4.61 28.38
N ILE B 247 -44.26 5.35 28.47
CA ILE B 247 -42.98 4.85 29.00
C ILE B 247 -42.49 5.44 30.36
N TYR B 248 -43.34 6.25 31.02
CA TYR B 248 -43.03 6.79 32.35
C TYR B 248 -42.48 5.72 33.29
N HIS B 249 -43.00 4.50 33.16
CA HIS B 249 -42.70 3.44 34.09
C HIS B 249 -41.25 2.97 33.91
N ARG B 250 -40.80 2.91 32.66
CA ARG B 250 -39.45 2.50 32.31
C ARG B 250 -38.47 3.64 32.63
N TYR B 251 -38.90 4.87 32.34
CA TYR B 251 -38.12 6.09 32.54
C TYR B 251 -37.70 6.23 34.00
N CYS B 252 -38.64 6.03 34.92
CA CYS B 252 -38.31 6.14 36.35
C CYS B 252 -37.20 5.13 36.79
N ILE B 253 -37.13 3.97 36.17
CA ILE B 253 -35.97 3.06 36.35
C ILE B 253 -34.69 3.74 35.84
N GLU B 254 -34.73 4.20 34.58
CA GLU B 254 -33.62 4.93 33.98
C GLU B 254 -33.14 6.18 34.77
N ARG B 255 -34.05 7.06 35.22
CA ARG B 255 -33.66 8.20 36.08
C ARG B 255 -33.22 7.72 37.46
N ALA B 256 -33.98 6.79 38.04
CA ALA B 256 -33.66 6.28 39.37
C ALA B 256 -32.24 5.72 39.45
N ALA B 257 -31.80 5.02 38.40
CA ALA B 257 -30.41 4.53 38.32
C ALA B 257 -29.41 5.69 38.27
N ALA B 258 -29.72 6.69 37.44
CA ALA B 258 -28.84 7.83 37.26
C ALA B 258 -28.69 8.63 38.54
N HIS B 259 -29.78 8.75 39.30
CA HIS B 259 -29.71 9.49 40.55
C HIS B 259 -29.34 8.61 41.74
N SER B 260 -29.19 7.32 41.53
CA SER B 260 -28.83 6.43 42.65
C SER B 260 -27.37 6.26 42.79
N ALA B 261 -26.67 6.12 41.67
CA ALA B 261 -25.28 5.65 41.69
C ALA B 261 -24.31 6.78 42.01
N ASP B 262 -23.23 6.43 42.71
CA ASP B 262 -22.20 7.40 43.09
C ASP B 262 -21.63 8.09 41.84
N VAL B 263 -21.38 7.30 40.80
CA VAL B 263 -20.94 7.86 39.52
C VAL B 263 -21.97 7.72 38.39
N PHE B 264 -22.25 8.80 37.67
CA PHE B 264 -23.10 8.76 36.47
C PHE B 264 -22.32 9.13 35.19
N THR B 265 -22.40 8.27 34.17
CA THR B 265 -21.69 8.47 32.92
C THR B 265 -22.57 8.10 31.70
N THR B 266 -22.27 8.70 30.54
CA THR B 266 -22.78 8.24 29.22
C THR B 266 -21.58 8.15 28.30
N VAL B 267 -21.81 7.69 27.06
CA VAL B 267 -20.68 7.37 26.15
C VAL B 267 -20.13 8.51 25.29
N SER B 268 -20.92 9.57 25.07
CA SER B 268 -20.54 10.70 24.21
C SER B 268 -20.79 12.05 24.88
N GLN B 269 -20.25 13.13 24.34
CA GLN B 269 -20.62 14.45 24.86
C GLN B 269 -21.99 14.93 24.37
N ILE B 270 -22.56 14.24 23.39
CA ILE B 270 -23.91 14.58 22.95
C ILE B 270 -24.91 13.94 23.89
N THR B 271 -24.69 12.67 24.19
CA THR B 271 -25.63 11.92 25.00
C THR B 271 -25.53 12.41 26.46
N ALA B 272 -24.40 13.05 26.80
CA ALA B 272 -24.24 13.76 28.07
C ALA B 272 -25.05 15.06 28.10
N PHE B 273 -25.48 15.52 26.93
CA PHE B 273 -26.38 16.69 26.84
C PHE B 273 -27.79 16.18 27.11
N GLU B 274 -28.26 15.21 26.32
CA GLU B 274 -29.53 14.59 26.63
C GLU B 274 -29.62 14.37 28.14
N ALA B 275 -28.67 13.64 28.69
CA ALA B 275 -28.79 13.15 30.07
C ALA B 275 -29.07 14.28 31.02
N GLU B 276 -28.24 15.30 31.00
CA GLU B 276 -28.34 16.37 31.99
C GLU B 276 -29.73 16.95 32.02
N HIS B 277 -30.32 17.16 30.83
CA HIS B 277 -31.67 17.72 30.69
C HIS B 277 -32.77 16.66 30.90
N LEU B 278 -32.73 15.61 30.11
CA LEU B 278 -33.79 14.60 30.10
C LEU B 278 -33.76 13.62 31.27
N LEU B 279 -32.59 13.44 31.87
CA LEU B 279 -32.44 12.64 33.10
C LEU B 279 -32.15 13.52 34.31
N LYS B 280 -32.10 14.82 34.04
CA LYS B 280 -32.04 15.83 35.08
C LYS B 280 -30.84 15.59 36.02
N ARG B 281 -29.77 14.97 35.49
CA ARG B 281 -28.42 14.92 36.15
C ARG B 281 -27.22 14.96 35.20
N LYS B 282 -26.45 16.05 35.29
CA LYS B 282 -25.24 16.21 34.47
C LYS B 282 -24.28 15.08 34.81
N PRO B 283 -23.87 14.29 33.78
CA PRO B 283 -22.94 13.17 33.99
C PRO B 283 -21.59 13.61 34.54
N ASP B 284 -21.03 12.78 35.42
CA ASP B 284 -19.68 13.01 35.98
C ASP B 284 -18.60 12.82 34.93
N GLY B 285 -18.96 12.39 33.72
CA GLY B 285 -17.98 12.13 32.67
C GLY B 285 -18.41 11.33 31.46
N ILE B 286 -17.53 11.30 30.46
CA ILE B 286 -17.74 10.64 29.18
C ILE B 286 -16.86 9.36 29.05
N LEU B 287 -17.47 8.27 28.57
CA LEU B 287 -16.87 6.94 28.53
C LEU B 287 -17.03 6.26 27.16
N PRO B 288 -16.30 6.77 26.16
CA PRO B 288 -16.56 6.53 24.74
C PRO B 288 -16.03 5.20 24.19
N ASN B 289 -16.90 4.47 23.50
CA ASN B 289 -16.64 3.08 23.10
C ASN B 289 -15.45 2.77 22.16
N GLY B 290 -14.35 2.34 22.77
CA GLY B 290 -13.22 1.88 21.99
C GLY B 290 -13.41 0.52 21.31
N LEU B 291 -12.45 0.23 20.43
CA LEU B 291 -12.37 -1.02 19.68
C LEU B 291 -11.00 -1.56 19.95
N ASN B 292 -10.89 -2.90 19.86
CA ASN B 292 -9.64 -3.56 20.14
C ASN B 292 -8.90 -3.59 18.82
N VAL B 293 -8.08 -2.58 18.60
CA VAL B 293 -7.61 -2.25 17.25
C VAL B 293 -7.04 -3.41 16.45
N ILE B 294 -6.33 -4.32 17.13
CA ILE B 294 -5.53 -5.33 16.44
C ILE B 294 -6.37 -6.46 15.80
N LYS B 295 -7.59 -6.66 16.32
CA LYS B 295 -8.62 -7.47 15.63
C LYS B 295 -8.87 -6.99 14.18
N PHE B 296 -8.13 -5.97 13.76
CA PHE B 296 -8.27 -5.42 12.41
C PHE B 296 -6.93 -5.34 11.70
N GLN B 297 -5.86 -5.32 12.48
CA GLN B 297 -4.51 -5.24 11.93
C GLN B 297 -3.97 -6.62 11.59
N ASN B 304 -1.25 -4.96 -0.05
CA ASN B 304 -2.52 -4.24 -0.11
C ASN B 304 -3.87 -5.05 -0.12
N LEU B 305 -4.81 -4.64 0.74
CA LEU B 305 -6.08 -5.36 0.95
C LEU B 305 -7.26 -4.75 0.23
N HIS B 306 -7.29 -3.42 0.24
CA HIS B 306 -8.37 -2.69 -0.37
C HIS B 306 -8.56 -3.16 -1.80
N ALA B 307 -7.46 -3.14 -2.56
CA ALA B 307 -7.41 -3.58 -3.95
C ALA B 307 -7.94 -4.98 -4.09
N LEU B 308 -7.51 -5.85 -3.19
CA LEU B 308 -7.95 -7.22 -3.30
C LEU B 308 -9.45 -7.35 -3.04
N LYS B 309 -9.92 -6.70 -1.97
CA LYS B 309 -11.30 -6.81 -1.52
C LYS B 309 -12.28 -6.05 -2.43
N LYS B 310 -11.85 -4.89 -2.93
CA LYS B 310 -12.56 -4.17 -3.97
C LYS B 310 -12.91 -5.12 -5.11
N GLU B 311 -11.89 -5.74 -5.69
CA GLU B 311 -12.10 -6.70 -6.78
C GLU B 311 -13.24 -7.70 -6.61
N LYS B 312 -13.60 -8.06 -5.36
CA LYS B 312 -14.73 -8.97 -5.16
C LYS B 312 -16.05 -8.18 -5.35
N ILE B 313 -16.12 -6.95 -4.84
CA ILE B 313 -17.23 -6.02 -5.16
C ILE B 313 -17.35 -5.74 -6.68
N ASN B 314 -16.21 -5.53 -7.34
CA ASN B 314 -16.18 -5.51 -8.79
C ASN B 314 -16.87 -6.76 -9.37
N ASP B 315 -16.43 -7.95 -8.96
CA ASP B 315 -17.03 -9.19 -9.46
C ASP B 315 -18.54 -9.25 -9.19
N PHE B 316 -19.03 -8.38 -8.32
CA PHE B 316 -20.44 -8.37 -8.02
C PHE B 316 -21.19 -7.41 -8.93
N VAL B 317 -20.66 -6.19 -8.98
CA VAL B 317 -21.21 -5.14 -9.80
C VAL B 317 -21.35 -5.61 -11.26
N ARG B 318 -20.41 -6.44 -11.73
CA ARG B 318 -20.40 -6.95 -13.10
C ARG B 318 -21.66 -7.76 -13.30
N GLY B 319 -21.84 -8.80 -12.49
CA GLY B 319 -23.06 -9.60 -12.49
C GLY B 319 -24.32 -8.79 -12.20
N HIS B 320 -24.18 -7.68 -11.49
CA HIS B 320 -25.37 -6.90 -11.18
C HIS B 320 -25.78 -6.03 -12.33
N PHE B 321 -24.81 -5.57 -13.11
CA PHE B 321 -25.06 -4.69 -14.24
C PHE B 321 -24.97 -5.41 -15.57
N HIS B 322 -25.03 -6.75 -15.53
CA HIS B 322 -24.94 -7.54 -16.76
C HIS B 322 -25.98 -7.11 -17.77
N GLY B 323 -25.65 -7.15 -19.05
CA GLY B 323 -26.48 -6.43 -19.99
C GLY B 323 -25.95 -5.03 -19.94
N CYS B 324 -26.72 -4.07 -19.41
CA CYS B 324 -26.24 -2.67 -19.51
C CYS B 324 -25.11 -2.31 -18.58
N PHE B 325 -23.92 -2.32 -19.17
CA PHE B 325 -22.66 -2.10 -18.52
C PHE B 325 -21.79 -1.23 -19.43
N ASP B 326 -21.74 0.05 -19.13
CA ASP B 326 -21.11 1.02 -20.00
C ASP B 326 -20.30 2.00 -19.19
N PHE B 327 -19.72 1.55 -18.08
CA PHE B 327 -18.95 2.44 -17.22
C PHE B 327 -17.71 1.76 -16.64
N ASP B 328 -16.61 2.50 -16.58
CA ASP B 328 -15.30 1.93 -16.29
C ASP B 328 -15.18 1.61 -14.81
N LEU B 329 -14.99 0.33 -14.50
CA LEU B 329 -14.84 -0.06 -13.10
C LEU B 329 -13.51 0.40 -12.56
N ASP B 330 -12.58 0.74 -13.45
CA ASP B 330 -11.36 1.44 -13.05
C ASP B 330 -11.66 2.89 -12.72
N ASN B 331 -12.89 3.31 -12.98
CA ASN B 331 -13.25 4.66 -12.67
C ASN B 331 -14.65 4.75 -12.04
N THR B 332 -14.91 3.76 -11.21
CA THR B 332 -16.08 3.72 -10.36
C THR B 332 -15.62 3.78 -8.90
N LEU B 333 -16.26 4.64 -8.12
CA LEU B 333 -16.03 4.65 -6.70
C LEU B 333 -17.20 3.96 -5.97
N TYR B 334 -16.88 3.23 -4.92
CA TYR B 334 -17.91 2.61 -4.10
C TYR B 334 -18.27 3.40 -2.85
N PHE B 335 -19.57 3.65 -2.65
CA PHE B 335 -20.08 4.27 -1.42
C PHE B 335 -20.98 3.27 -0.72
N PHE B 336 -21.02 3.33 0.61
CA PHE B 336 -21.97 2.51 1.38
C PHE B 336 -22.39 3.22 2.63
N ILE B 337 -23.60 2.88 3.09
CA ILE B 337 -24.13 3.15 4.43
C ILE B 337 -24.53 1.77 4.91
N ALA B 338 -24.40 1.50 6.20
CA ALA B 338 -24.69 0.13 6.66
C ALA B 338 -24.99 0.08 8.14
N GLY B 339 -25.78 -0.91 8.54
CA GLY B 339 -26.10 -1.07 9.95
C GLY B 339 -27.48 -1.61 10.24
N ARG B 340 -28.11 -1.06 11.30
CA ARG B 340 -29.45 -1.45 11.73
C ARG B 340 -30.44 -0.77 10.81
N TYR B 341 -31.56 -1.46 10.50
CA TYR B 341 -32.62 -0.82 9.69
C TYR B 341 -33.37 0.20 10.51
N GLU B 342 -32.84 1.41 10.50
CA GLU B 342 -33.33 2.47 11.33
C GLU B 342 -33.26 3.67 10.44
N TYR B 343 -34.08 3.61 9.39
CA TYR B 343 -34.13 4.63 8.33
C TYR B 343 -33.86 6.07 8.83
N LYS B 344 -34.66 6.52 9.79
CA LYS B 344 -34.67 7.92 10.16
C LYS B 344 -33.38 8.34 10.84
N ASN B 345 -32.99 7.56 11.86
CA ASN B 345 -31.92 7.97 12.81
C ASN B 345 -30.51 7.72 12.28
N LYS B 346 -30.37 6.59 11.56
CA LYS B 346 -29.09 6.11 11.00
C LYS B 346 -28.70 6.99 9.79
N GLY B 347 -29.72 7.44 9.06
CA GLY B 347 -29.58 8.56 8.15
C GLY B 347 -29.80 8.21 6.70
N ALA B 348 -30.61 7.18 6.45
CA ALA B 348 -30.84 6.66 5.10
C ALA B 348 -31.53 7.68 4.18
N ASP B 349 -32.48 8.41 4.78
CA ASP B 349 -33.13 9.57 4.17
C ASP B 349 -32.10 10.54 3.59
N MET B 350 -31.21 11.05 4.43
CA MET B 350 -30.24 12.02 3.98
C MET B 350 -29.27 11.40 3.01
N PHE B 351 -29.08 10.08 3.14
CA PHE B 351 -28.11 9.38 2.31
C PHE B 351 -28.59 9.30 0.89
N ILE B 352 -29.81 8.78 0.70
CA ILE B 352 -30.43 8.65 -0.62
C ILE B 352 -30.68 10.00 -1.33
N GLU B 353 -31.13 10.99 -0.56
CA GLU B 353 -31.27 12.36 -1.03
C GLU B 353 -29.97 12.92 -1.56
N ALA B 354 -28.93 12.88 -0.74
CA ALA B 354 -27.66 13.46 -1.13
C ALA B 354 -27.18 12.82 -2.43
N LEU B 355 -27.43 11.53 -2.57
CA LEU B 355 -27.02 10.76 -3.73
C LEU B 355 -27.71 11.23 -5.01
N ALA B 356 -29.04 11.45 -4.91
CA ALA B 356 -29.85 12.01 -6.00
C ALA B 356 -29.35 13.39 -6.44
N ARG B 357 -29.06 14.26 -5.46
CA ARG B 357 -28.43 15.56 -5.68
C ARG B 357 -27.06 15.43 -6.31
N LEU B 358 -26.24 14.55 -5.76
CA LEU B 358 -24.87 14.37 -6.28
C LEU B 358 -24.90 13.87 -7.72
N ASN B 359 -25.90 13.06 -8.04
CA ASN B 359 -26.12 12.65 -9.43
C ASN B 359 -26.21 13.88 -10.32
N TYR B 360 -27.21 14.73 -10.03
CA TYR B 360 -27.42 16.00 -10.71
C TYR B 360 -26.09 16.71 -10.88
N ARG B 361 -25.42 17.01 -9.78
CA ARG B 361 -24.14 17.71 -9.90
C ARG B 361 -23.17 17.02 -10.86
N LEU B 362 -23.20 15.70 -10.92
CA LEU B 362 -22.10 14.98 -11.58
C LEU B 362 -22.26 14.92 -13.10
N LYS B 363 -23.52 14.97 -13.54
CA LYS B 363 -23.87 15.16 -14.95
C LYS B 363 -23.47 16.58 -15.40
N VAL B 364 -24.18 17.58 -14.88
CA VAL B 364 -23.88 19.02 -14.99
C VAL B 364 -22.40 19.34 -15.23
N SER B 365 -21.50 18.83 -14.38
CA SER B 365 -20.05 18.97 -14.58
C SER B 365 -19.48 17.98 -15.63
N GLY B 366 -20.35 17.08 -16.10
CA GLY B 366 -20.01 16.06 -17.09
C GLY B 366 -18.86 15.16 -16.69
N SER B 367 -18.86 14.73 -15.42
CA SER B 367 -17.79 13.91 -14.81
C SER B 367 -17.82 12.49 -15.41
N LYS B 368 -16.65 12.01 -15.85
CA LYS B 368 -16.56 10.68 -16.44
C LYS B 368 -16.62 9.59 -15.34
N LYS B 369 -16.65 10.03 -14.07
CA LYS B 369 -16.66 9.11 -12.92
C LYS B 369 -18.00 8.46 -12.69
N THR B 370 -18.00 7.32 -12.04
CA THR B 370 -19.23 6.64 -11.66
C THR B 370 -19.17 6.25 -10.19
N VAL B 371 -20.33 6.38 -9.52
CA VAL B 371 -20.48 5.99 -8.11
C VAL B 371 -21.52 4.88 -8.00
N VAL B 372 -21.12 3.75 -7.42
CA VAL B 372 -22.09 2.76 -7.00
C VAL B 372 -22.18 2.81 -5.48
N ALA B 373 -23.33 3.27 -4.99
CA ALA B 373 -23.53 3.46 -3.57
C ALA B 373 -24.34 2.30 -3.11
N PHE B 374 -23.86 1.61 -2.07
CA PHE B 374 -24.54 0.43 -1.50
C PHE B 374 -25.29 0.76 -0.21
N ILE B 375 -26.36 0.01 0.04
CA ILE B 375 -27.00 0.05 1.36
C ILE B 375 -27.15 -1.36 1.91
N VAL B 376 -26.45 -1.63 3.01
CA VAL B 376 -26.55 -2.90 3.71
C VAL B 376 -27.25 -2.66 5.04
N MET B 377 -28.58 -2.82 5.02
CA MET B 377 -29.48 -2.63 6.19
C MET B 377 -30.52 -3.73 6.11
N PRO B 378 -30.81 -4.43 7.23
CA PRO B 378 -31.65 -5.64 7.14
C PRO B 378 -33.13 -5.31 7.16
N ALA B 379 -33.93 -6.16 6.50
CA ALA B 379 -35.40 -6.05 6.38
C ALA B 379 -35.95 -7.36 5.83
N LYS B 380 -37.13 -7.78 6.31
CA LYS B 380 -37.60 -9.15 6.04
C LYS B 380 -37.71 -9.35 4.53
N ASN B 381 -36.89 -10.26 4.03
CA ASN B 381 -36.81 -10.50 2.59
C ASN B 381 -37.32 -11.91 2.20
N ASN B 382 -36.87 -12.42 1.05
CA ASN B 382 -37.19 -13.77 0.61
C ASN B 382 -36.05 -14.31 -0.23
N SER B 383 -34.91 -14.54 0.41
CA SER B 383 -33.70 -14.96 -0.30
C SER B 383 -33.43 -13.94 -1.43
N PHE B 384 -32.76 -14.35 -2.49
CA PHE B 384 -32.40 -13.40 -3.55
C PHE B 384 -33.28 -13.49 -4.75
N THR B 385 -33.52 -12.37 -5.42
CA THR B 385 -34.16 -12.40 -6.71
C THR B 385 -33.51 -13.43 -7.66
N VAL B 386 -34.35 -14.05 -8.49
CA VAL B 386 -33.90 -14.89 -9.59
C VAL B 386 -32.97 -14.08 -10.48
N GLU B 387 -33.32 -12.81 -10.65
CA GLU B 387 -32.58 -11.92 -11.52
C GLU B 387 -31.11 -11.73 -11.07
N ALA B 388 -30.90 -11.66 -9.75
CA ALA B 388 -29.56 -11.49 -9.21
C ALA B 388 -28.85 -12.82 -9.22
N LEU B 389 -29.61 -13.90 -9.01
CA LEU B 389 -29.02 -15.21 -9.13
C LEU B 389 -28.52 -15.47 -10.56
N LYS B 390 -29.27 -15.01 -11.57
CA LYS B 390 -28.84 -15.12 -12.96
C LYS B 390 -27.57 -14.31 -13.15
N GLY B 391 -27.57 -13.08 -12.66
CA GLY B 391 -26.43 -12.19 -12.86
C GLY B 391 -25.13 -12.88 -12.53
N GLN B 392 -25.01 -13.37 -11.30
CA GLN B 392 -23.73 -13.93 -10.88
C GLN B 392 -23.48 -15.23 -11.59
N ALA B 393 -24.56 -15.91 -11.96
CA ALA B 393 -24.46 -17.20 -12.64
C ALA B 393 -23.81 -17.08 -14.00
N GLU B 394 -24.36 -16.22 -14.86
CA GLU B 394 -23.88 -16.15 -16.24
C GLU B 394 -22.52 -15.48 -16.28
N VAL B 395 -22.23 -14.67 -15.26
CA VAL B 395 -20.91 -14.04 -15.20
C VAL B 395 -19.84 -15.04 -14.77
N ARG B 396 -20.14 -15.91 -13.81
CA ARG B 396 -19.20 -16.97 -13.43
C ARG B 396 -19.01 -17.87 -14.66
N ALA B 397 -20.14 -18.23 -15.27
CA ALA B 397 -20.13 -18.90 -16.55
C ALA B 397 -19.11 -18.28 -17.47
N LEU B 398 -19.21 -16.96 -17.66
CA LEU B 398 -18.37 -16.27 -18.61
C LEU B 398 -16.91 -16.31 -18.27
N GLU B 399 -16.55 -15.99 -17.03
CA GLU B 399 -15.14 -16.08 -16.64
C GLU B 399 -14.67 -17.45 -17.05
N ASN B 400 -15.46 -18.47 -16.68
CA ASN B 400 -15.05 -19.85 -16.91
C ASN B 400 -14.73 -20.23 -18.34
N THR B 401 -15.62 -19.91 -19.29
CA THR B 401 -15.34 -20.28 -20.68
C THR B 401 -14.14 -19.53 -21.20
N VAL B 402 -14.03 -18.25 -20.84
CA VAL B 402 -12.92 -17.42 -21.27
C VAL B 402 -11.63 -18.06 -20.82
N HIS B 403 -11.65 -18.67 -19.65
CA HIS B 403 -10.43 -19.26 -19.10
C HIS B 403 -10.02 -20.55 -19.84
N GLU B 404 -11.01 -21.43 -20.09
CA GLU B 404 -10.70 -22.66 -20.82
C GLU B 404 -10.30 -22.33 -22.27
N VAL B 405 -10.99 -21.36 -22.86
CA VAL B 405 -10.69 -20.90 -24.22
C VAL B 405 -9.26 -20.40 -24.29
N THR B 406 -8.85 -19.58 -23.32
CA THR B 406 -7.52 -18.96 -23.39
C THR B 406 -6.41 -19.92 -23.04
N THR B 407 -6.70 -20.96 -22.27
CA THR B 407 -5.57 -21.80 -21.91
C THR B 407 -5.26 -22.82 -23.00
N SER B 408 -6.26 -23.03 -23.89
CA SER B 408 -6.06 -23.73 -25.17
C SER B 408 -5.19 -22.87 -26.04
N ILE B 409 -5.53 -21.57 -26.11
CA ILE B 409 -4.82 -20.65 -26.99
C ILE B 409 -3.37 -20.69 -26.56
N GLY B 410 -3.16 -20.77 -25.25
CA GLY B 410 -1.83 -20.96 -24.69
C GLY B 410 -1.17 -22.19 -25.30
N LYS B 411 -1.67 -23.36 -24.91
CA LYS B 411 -1.22 -24.65 -25.44
C LYS B 411 -0.92 -24.57 -26.96
N ARG B 412 -1.85 -23.99 -27.74
CA ARG B 412 -1.67 -23.89 -29.20
C ARG B 412 -0.45 -23.07 -29.56
N ILE B 413 -0.31 -21.85 -29.01
CA ILE B 413 0.86 -20.96 -29.24
C ILE B 413 2.14 -21.66 -28.77
N PHE B 414 2.11 -22.16 -27.54
CA PHE B 414 3.30 -22.76 -26.97
C PHE B 414 3.69 -23.99 -27.76
N ASP B 415 2.72 -24.73 -28.29
CA ASP B 415 3.10 -25.91 -29.07
C ASP B 415 3.68 -25.57 -30.41
N HIS B 416 3.12 -24.55 -31.04
CA HIS B 416 3.67 -24.10 -32.28
C HIS B 416 5.14 -23.75 -32.09
N ALA B 417 5.39 -22.91 -31.07
CA ALA B 417 6.69 -22.28 -30.84
C ALA B 417 7.79 -23.31 -30.63
N ILE B 418 7.52 -24.25 -29.74
CA ILE B 418 8.45 -25.30 -29.35
C ILE B 418 8.58 -26.31 -30.46
N ARG B 419 7.71 -26.20 -31.46
CA ARG B 419 7.67 -27.14 -32.58
C ARG B 419 8.40 -26.67 -33.83
N TYR B 420 8.82 -25.41 -33.85
CA TYR B 420 9.54 -24.84 -34.99
C TYR B 420 10.88 -25.52 -35.13
N PRO B 421 11.41 -25.66 -36.38
CA PRO B 421 10.82 -25.34 -37.70
C PRO B 421 9.51 -26.04 -37.98
N GLU B 435 -7.97 -15.28 -35.37
CA GLU B 435 -8.69 -16.53 -35.12
C GLU B 435 -7.74 -17.72 -34.96
N LEU B 436 -7.13 -17.78 -33.77
CA LEU B 436 -6.58 -19.02 -33.24
C LEU B 436 -7.63 -19.56 -32.26
N LEU B 437 -8.74 -18.82 -32.14
CA LEU B 437 -9.92 -19.25 -31.39
C LEU B 437 -10.69 -20.27 -32.24
N LYS B 438 -10.31 -21.56 -32.15
CA LYS B 438 -11.00 -22.63 -32.94
C LYS B 438 -12.54 -22.50 -32.80
N SER B 439 -13.27 -22.62 -33.91
CA SER B 439 -14.74 -22.32 -33.89
C SER B 439 -15.61 -23.28 -33.06
N SER B 440 -15.00 -24.29 -32.45
CA SER B 440 -15.64 -24.93 -31.31
C SER B 440 -15.81 -23.90 -30.17
N ASP B 441 -14.68 -23.24 -29.83
CA ASP B 441 -14.59 -22.17 -28.80
C ASP B 441 -15.44 -20.96 -29.16
N LYS B 442 -15.19 -20.45 -30.37
CA LYS B 442 -15.91 -19.30 -30.93
C LYS B 442 -17.42 -19.40 -30.62
N VAL B 443 -17.98 -20.60 -30.80
CA VAL B 443 -19.36 -20.96 -30.41
C VAL B 443 -19.68 -20.74 -28.93
N MET B 444 -18.94 -21.41 -28.03
CA MET B 444 -19.26 -21.32 -26.59
C MET B 444 -19.13 -19.89 -26.06
N LEU B 445 -18.28 -19.10 -26.69
CA LEU B 445 -18.15 -17.70 -26.30
C LEU B 445 -19.37 -16.91 -26.75
N LYS B 446 -19.75 -17.11 -28.01
CA LYS B 446 -20.90 -16.45 -28.64
C LYS B 446 -22.13 -16.74 -27.80
N ARG B 447 -22.03 -17.78 -27.02
CA ARG B 447 -23.13 -18.23 -26.21
C ARG B 447 -23.20 -17.53 -24.85
N ARG B 448 -22.05 -17.43 -24.18
CA ARG B 448 -22.00 -16.89 -22.82
C ARG B 448 -22.27 -15.42 -22.83
N ILE B 449 -22.02 -14.78 -23.99
CA ILE B 449 -22.36 -13.37 -24.22
C ILE B 449 -23.87 -13.15 -24.37
N LEU B 450 -24.50 -13.96 -25.23
CA LEU B 450 -25.95 -13.90 -25.37
C LEU B 450 -26.65 -14.09 -24.00
N ALA B 451 -26.06 -14.96 -23.17
CA ALA B 451 -26.56 -15.25 -21.81
C ALA B 451 -26.63 -14.05 -20.92
N LEU B 452 -25.96 -12.97 -21.34
CA LEU B 452 -25.89 -11.75 -20.56
C LEU B 452 -26.85 -10.64 -20.97
N ARG B 453 -27.60 -10.81 -22.08
CA ARG B 453 -28.49 -9.72 -22.55
C ARG B 453 -29.59 -9.41 -21.53
N ARG B 454 -29.94 -8.13 -21.42
CA ARG B 454 -30.93 -7.64 -20.46
C ARG B 454 -32.32 -7.63 -21.11
N PRO B 455 -33.25 -8.47 -20.60
CA PRO B 455 -34.59 -8.62 -21.19
C PRO B 455 -35.28 -7.28 -21.50
N GLU B 456 -35.31 -6.93 -22.78
CA GLU B 456 -35.99 -5.73 -23.31
C GLU B 456 -36.15 -4.50 -22.38
N GLY B 457 -35.19 -3.57 -22.52
CA GLY B 457 -35.24 -2.25 -21.88
C GLY B 457 -35.58 -2.21 -20.40
N GLN B 458 -35.37 -3.34 -19.71
CA GLN B 458 -35.43 -3.41 -18.26
C GLN B 458 -34.07 -3.00 -17.69
N LEU B 459 -34.10 -2.32 -16.54
CA LEU B 459 -32.94 -1.68 -15.94
C LEU B 459 -32.27 -2.48 -14.79
N PRO B 460 -30.96 -2.30 -14.57
CA PRO B 460 -30.29 -3.01 -13.49
C PRO B 460 -30.98 -2.69 -12.15
N PRO B 461 -31.30 -3.72 -11.34
CA PRO B 461 -32.23 -3.51 -10.24
C PRO B 461 -31.70 -2.60 -9.15
N ILE B 462 -32.61 -2.16 -8.27
CA ILE B 462 -32.24 -1.34 -7.11
C ILE B 462 -32.46 -2.10 -5.79
N VAL B 463 -32.69 -3.41 -5.92
CA VAL B 463 -32.70 -4.30 -4.78
C VAL B 463 -32.21 -5.64 -5.29
N THR B 464 -31.51 -6.38 -4.42
CA THR B 464 -31.01 -7.72 -4.74
C THR B 464 -31.93 -8.88 -4.35
N HIS B 465 -33.06 -8.53 -3.73
CA HIS B 465 -33.90 -9.47 -2.96
C HIS B 465 -35.39 -9.40 -3.26
N ASN B 466 -36.10 -10.48 -2.93
CA ASN B 466 -37.55 -10.48 -2.97
C ASN B 466 -38.10 -9.92 -1.67
N MET B 467 -38.13 -8.59 -1.58
CA MET B 467 -38.68 -7.88 -0.42
C MET B 467 -40.12 -8.31 -0.10
N VAL B 468 -40.48 -8.26 1.17
CA VAL B 468 -41.85 -8.61 1.56
C VAL B 468 -42.76 -7.41 1.35
N ASP B 469 -42.82 -6.53 2.33
CA ASP B 469 -43.65 -5.34 2.21
C ASP B 469 -43.02 -4.44 1.14
N ASP B 470 -42.88 -4.99 -0.06
CA ASP B 470 -42.14 -4.30 -1.10
C ASP B 470 -42.57 -2.82 -1.19
N ALA B 471 -43.88 -2.62 -1.06
CA ALA B 471 -44.53 -1.37 -1.44
C ALA B 471 -44.32 -0.23 -0.44
N ASN B 472 -44.24 -0.59 0.85
CA ASN B 472 -44.26 0.37 1.95
C ASN B 472 -42.94 0.46 2.70
N ASP B 473 -41.93 -0.21 2.17
CA ASP B 473 -40.62 -0.23 2.80
C ASP B 473 -39.84 1.08 2.56
N LEU B 474 -39.43 1.73 3.63
CA LEU B 474 -38.94 3.12 3.58
C LEU B 474 -37.73 3.39 2.67
N ILE B 475 -36.72 2.53 2.73
CA ILE B 475 -35.48 2.72 1.94
C ILE B 475 -35.76 2.69 0.44
N LEU B 476 -36.73 1.89 0.03
CA LEU B 476 -37.13 1.78 -1.38
C LEU B 476 -37.92 2.97 -1.91
N ASN B 477 -39.08 3.24 -1.31
CA ASN B 477 -39.89 4.41 -1.69
C ASN B 477 -39.07 5.68 -1.90
N LYS B 478 -38.05 5.91 -1.07
CA LYS B 478 -37.19 7.08 -1.23
C LYS B 478 -36.24 6.99 -2.43
N ILE B 479 -35.82 5.78 -2.80
CA ILE B 479 -34.99 5.60 -3.99
C ILE B 479 -35.85 5.91 -5.23
N ARG B 480 -37.07 5.35 -5.27
CA ARG B 480 -38.04 5.63 -6.34
C ARG B 480 -38.44 7.11 -6.38
N GLN B 481 -38.90 7.64 -5.25
CA GLN B 481 -39.22 9.06 -5.21
C GLN B 481 -38.06 10.02 -5.60
N VAL B 482 -36.81 9.60 -5.49
CA VAL B 482 -35.74 10.37 -6.15
C VAL B 482 -35.30 9.76 -7.50
N GLN B 483 -36.09 8.77 -7.96
CA GLN B 483 -35.95 8.21 -9.31
C GLN B 483 -34.53 7.76 -9.64
N LEU B 484 -33.89 7.08 -8.68
CA LEU B 484 -32.60 6.48 -8.93
C LEU B 484 -32.76 5.00 -9.33
N PHE B 485 -32.49 4.72 -10.59
CA PHE B 485 -32.86 3.46 -11.23
C PHE B 485 -31.74 2.90 -12.13
N ASN B 486 -30.57 3.54 -12.10
CA ASN B 486 -29.43 2.96 -12.77
C ASN B 486 -29.54 3.02 -14.30
N SER B 487 -30.34 3.97 -14.81
CA SER B 487 -30.32 4.30 -16.26
C SER B 487 -28.94 4.80 -16.61
N PRO B 488 -28.43 4.44 -17.79
CA PRO B 488 -27.00 4.72 -17.97
C PRO B 488 -26.65 6.21 -18.01
N SER B 489 -27.66 7.07 -17.91
CA SER B 489 -27.48 8.53 -17.81
C SER B 489 -26.99 8.86 -16.40
N ASP B 490 -27.59 8.19 -15.41
CA ASP B 490 -27.19 8.18 -13.99
C ASP B 490 -25.70 7.93 -13.78
N ARG B 491 -25.04 8.93 -13.22
CA ARG B 491 -23.69 8.82 -12.76
C ARG B 491 -23.59 8.18 -11.34
N VAL B 492 -24.67 8.22 -10.54
CA VAL B 492 -24.69 7.38 -9.33
C VAL B 492 -25.69 6.25 -9.45
N LYS B 493 -25.19 5.06 -9.19
CA LYS B 493 -25.99 3.86 -9.25
C LYS B 493 -26.32 3.48 -7.80
N MET B 494 -27.39 2.72 -7.62
CA MET B 494 -27.94 2.51 -6.31
C MET B 494 -28.36 1.06 -6.19
N ILE B 495 -27.84 0.40 -5.17
CA ILE B 495 -28.19 -0.97 -4.90
C ILE B 495 -28.45 -1.07 -3.43
N PHE B 496 -29.65 -1.54 -3.09
CA PHE B 496 -30.01 -1.80 -1.71
C PHE B 496 -29.95 -3.30 -1.53
N HIS B 497 -29.14 -3.73 -0.55
CA HIS B 497 -28.92 -5.16 -0.22
C HIS B 497 -29.27 -5.42 1.25
N PRO B 498 -30.58 -5.75 1.51
CA PRO B 498 -31.32 -5.76 2.79
C PRO B 498 -30.93 -6.83 3.81
N GLU B 499 -29.74 -7.38 3.68
CA GLU B 499 -29.30 -8.40 4.61
C GLU B 499 -27.82 -8.20 4.89
N PHE B 500 -27.40 -8.52 6.10
CA PHE B 500 -26.03 -8.34 6.51
C PHE B 500 -25.17 -9.29 5.70
N LEU B 501 -23.98 -8.81 5.35
CA LEU B 501 -23.05 -9.54 4.46
C LEU B 501 -22.43 -10.72 5.12
N ASN B 502 -22.47 -11.83 4.40
CA ASN B 502 -21.92 -13.07 4.88
C ASN B 502 -21.03 -13.68 3.79
N ALA B 503 -19.87 -14.21 4.18
CA ALA B 503 -18.88 -14.59 3.19
C ALA B 503 -19.25 -15.79 2.33
N ASN B 504 -20.34 -16.49 2.65
CA ASN B 504 -20.91 -17.38 1.65
C ASN B 504 -22.33 -17.07 1.21
N ASN B 505 -22.60 -15.78 1.07
CA ASN B 505 -23.51 -15.29 0.06
C ASN B 505 -23.02 -15.86 -1.25
N PRO B 506 -23.96 -16.21 -2.16
CA PRO B 506 -23.59 -16.66 -3.48
C PRO B 506 -23.47 -15.50 -4.47
N ILE B 507 -23.90 -14.32 -4.03
CA ILE B 507 -24.01 -13.14 -4.86
C ILE B 507 -22.96 -12.08 -4.50
N LEU B 508 -22.59 -12.02 -3.23
CA LEU B 508 -21.61 -11.04 -2.82
C LEU B 508 -20.74 -11.65 -1.75
N GLY B 509 -19.79 -12.49 -2.16
CA GLY B 509 -19.04 -13.36 -1.26
C GLY B 509 -18.21 -12.75 -0.15
N LEU B 510 -18.56 -11.54 0.30
CA LEU B 510 -17.78 -10.90 1.37
C LEU B 510 -18.33 -11.01 2.79
N ASP B 511 -17.42 -11.06 3.75
CA ASP B 511 -17.77 -10.72 5.10
C ASP B 511 -17.80 -9.21 5.15
N TYR B 512 -18.61 -8.65 6.05
CA TYR B 512 -18.76 -7.21 6.13
C TYR B 512 -17.43 -6.47 6.19
N ASP B 513 -16.51 -6.90 7.06
CA ASP B 513 -15.29 -6.11 7.23
C ASP B 513 -14.47 -6.11 5.94
N GLU B 514 -14.59 -7.16 5.14
CA GLU B 514 -13.93 -7.22 3.85
C GLU B 514 -14.56 -6.20 2.91
N PHE B 515 -15.88 -6.19 2.89
CA PHE B 515 -16.65 -5.26 2.07
C PHE B 515 -16.25 -3.82 2.42
N VAL B 516 -16.06 -3.55 3.70
CA VAL B 516 -15.73 -2.20 4.05
C VAL B 516 -14.39 -1.87 3.46
N ARG B 517 -13.38 -2.66 3.80
CA ARG B 517 -12.06 -2.54 3.15
C ARG B 517 -12.16 -2.28 1.66
N GLY B 518 -13.09 -2.98 1.00
CA GLY B 518 -13.36 -2.84 -0.44
C GLY B 518 -13.92 -1.51 -0.95
N CYS B 519 -14.75 -0.83 -0.16
CA CYS B 519 -15.40 0.42 -0.59
C CYS B 519 -14.44 1.58 -0.55
N HIS B 520 -14.91 2.78 -0.89
CA HIS B 520 -14.03 3.97 -0.94
C HIS B 520 -14.50 4.98 0.07
N LEU B 521 -15.80 4.91 0.40
CA LEU B 521 -16.37 5.88 1.32
C LEU B 521 -17.58 5.32 2.04
N GLY B 522 -17.47 5.37 3.37
CA GLY B 522 -18.58 5.04 4.28
C GLY B 522 -19.32 6.31 4.58
N VAL B 523 -20.64 6.29 4.38
CA VAL B 523 -21.45 7.49 4.55
C VAL B 523 -22.52 7.18 5.61
N PHE B 524 -22.37 7.83 6.76
CA PHE B 524 -23.21 7.59 7.93
C PHE B 524 -23.62 8.93 8.55
N PRO B 525 -24.61 9.59 7.92
CA PRO B 525 -25.15 10.87 8.34
C PRO B 525 -26.32 10.62 9.28
N SER B 526 -26.00 10.44 10.55
CA SER B 526 -26.95 9.91 11.50
C SER B 526 -27.66 11.05 12.22
N TYR B 527 -28.87 10.75 12.70
CA TYR B 527 -29.65 11.68 13.49
C TYR B 527 -29.53 11.34 14.98
N TYR B 528 -29.98 10.13 15.34
CA TYR B 528 -29.77 9.63 16.68
C TYR B 528 -28.82 8.45 16.64
N GLU B 529 -27.59 8.70 17.05
CA GLU B 529 -26.56 7.69 17.18
C GLU B 529 -25.75 8.14 18.39
N PRO B 530 -25.94 7.47 19.54
CA PRO B 530 -25.28 7.87 20.78
C PRO B 530 -23.78 7.59 20.73
N TRP B 531 -23.39 6.45 20.15
CA TRP B 531 -21.98 6.21 19.75
C TRP B 531 -21.83 5.82 18.28
N GLY B 532 -22.31 4.64 17.93
CA GLY B 532 -22.28 4.23 16.51
C GLY B 532 -20.98 3.59 16.10
N TYR B 533 -21.02 2.27 15.99
CA TYR B 533 -19.81 1.56 15.71
C TYR B 533 -19.35 1.57 14.23
N THR B 534 -20.30 1.58 13.28
CA THR B 534 -19.91 1.56 11.84
C THR B 534 -18.80 2.57 11.50
N PRO B 535 -18.97 3.88 11.83
CA PRO B 535 -17.96 4.91 11.54
C PRO B 535 -16.63 4.66 12.24
N ALA B 536 -16.70 4.25 13.50
CA ALA B 536 -15.51 3.92 14.26
C ALA B 536 -14.80 2.81 13.55
N GLU B 537 -15.47 1.67 13.43
CA GLU B 537 -14.78 0.49 12.89
C GLU B 537 -14.26 0.70 11.46
N CYS B 538 -14.99 1.51 10.72
CA CYS B 538 -14.58 1.97 9.42
C CYS B 538 -13.17 2.56 9.48
N THR B 539 -13.03 3.62 10.28
CA THR B 539 -11.77 4.35 10.39
C THR B 539 -10.62 3.43 10.78
N VAL B 540 -10.97 2.49 11.66
CA VAL B 540 -10.04 1.48 12.12
C VAL B 540 -9.52 0.69 10.93
N MET B 541 -10.41 0.35 9.98
CA MET B 541 -10.01 -0.44 8.84
C MET B 541 -9.55 0.51 7.77
N GLY B 542 -9.49 1.79 8.14
CA GLY B 542 -8.86 2.79 7.29
C GLY B 542 -9.64 3.10 6.03
N VAL B 543 -10.96 2.94 6.09
CA VAL B 543 -11.85 3.53 5.11
C VAL B 543 -12.28 4.90 5.64
N PRO B 544 -12.22 5.94 4.79
CA PRO B 544 -12.76 7.29 5.07
C PRO B 544 -14.26 7.31 5.20
N SER B 545 -14.74 8.20 6.06
CA SER B 545 -16.12 8.12 6.59
C SER B 545 -16.77 9.48 6.78
N ILE B 546 -18.00 9.60 6.30
CA ILE B 546 -18.75 10.83 6.54
C ILE B 546 -19.66 10.57 7.72
N THR B 547 -19.57 11.45 8.70
CA THR B 547 -20.47 11.40 9.83
C THR B 547 -21.07 12.76 10.22
N THR B 548 -21.59 12.86 11.42
CA THR B 548 -22.53 13.88 11.80
C THR B 548 -22.13 14.40 13.16
N ASN B 549 -22.22 15.72 13.36
CA ASN B 549 -21.93 16.30 14.67
C ASN B 549 -22.92 15.93 15.82
N VAL B 550 -24.06 15.30 15.52
CA VAL B 550 -24.98 14.82 16.56
C VAL B 550 -24.82 13.30 16.82
N SER B 551 -23.91 12.68 16.08
CA SER B 551 -23.55 11.28 16.30
C SER B 551 -22.39 11.22 17.28
N GLY B 552 -22.55 10.37 18.30
CA GLY B 552 -21.53 10.11 19.31
C GLY B 552 -20.14 10.18 18.74
N PHE B 553 -19.85 9.27 17.80
CA PHE B 553 -18.56 9.23 17.10
C PHE B 553 -18.18 10.61 16.56
N GLY B 554 -19.09 11.22 15.81
CA GLY B 554 -18.78 12.46 15.10
C GLY B 554 -18.43 13.55 16.07
N SER B 555 -19.17 13.54 17.18
CA SER B 555 -19.00 14.52 18.24
C SER B 555 -17.64 14.29 18.86
N TYR B 556 -17.32 13.05 19.24
CA TYR B 556 -16.02 12.77 19.87
C TYR B 556 -14.87 13.18 18.95
N MET B 557 -14.98 12.72 17.71
CA MET B 557 -13.99 12.92 16.67
C MET B 557 -13.77 14.40 16.36
N GLU B 558 -14.87 15.16 16.35
CA GLU B 558 -14.81 16.58 16.04
C GLU B 558 -14.01 17.31 17.09
N ASP B 559 -14.34 17.06 18.35
CA ASP B 559 -13.75 17.78 19.50
C ASP B 559 -12.27 17.44 19.71
N LEU B 560 -11.77 16.51 18.89
CA LEU B 560 -10.39 16.01 18.94
C LEU B 560 -9.62 16.26 17.65
N ILE B 561 -10.33 16.50 16.56
CA ILE B 561 -9.65 16.90 15.31
C ILE B 561 -10.31 18.20 14.82
N GLU B 562 -9.58 19.31 14.99
CA GLU B 562 -10.13 20.65 14.72
C GLU B 562 -10.46 20.84 13.23
N THR B 563 -11.67 20.39 12.85
CA THR B 563 -12.27 20.33 11.46
C THR B 563 -11.29 20.50 10.25
N ASN B 564 -10.50 21.58 10.25
CA ASN B 564 -9.51 21.88 9.21
C ASN B 564 -8.52 20.73 8.93
N GLN B 565 -8.40 19.80 9.88
CA GLN B 565 -7.59 18.60 9.69
C GLN B 565 -8.45 17.35 9.50
N ALA B 566 -9.72 17.44 9.89
CA ALA B 566 -10.66 16.32 9.81
C ALA B 566 -10.71 15.74 8.40
N LYS B 567 -10.97 16.62 7.43
CA LYS B 567 -11.03 16.26 6.01
C LYS B 567 -9.87 15.36 5.55
N ASP B 568 -8.64 15.70 5.93
CA ASP B 568 -7.43 14.96 5.47
C ASP B 568 -7.33 13.56 6.09
N TYR B 569 -7.59 13.46 7.38
CA TYR B 569 -7.40 12.20 8.12
C TYR B 569 -8.60 11.22 7.97
N GLY B 570 -9.62 11.64 7.22
CA GLY B 570 -10.64 10.72 6.77
C GLY B 570 -12.03 10.94 7.31
N ILE B 571 -12.20 11.96 8.14
CA ILE B 571 -13.52 12.17 8.76
C ILE B 571 -14.17 13.45 8.29
N TYR B 572 -15.28 13.30 7.61
CA TYR B 572 -16.03 14.46 7.21
C TYR B 572 -17.10 14.56 8.25
N ILE B 573 -17.11 15.65 9.01
CA ILE B 573 -18.21 15.79 9.97
C ILE B 573 -19.24 16.78 9.46
N VAL B 574 -20.33 16.22 8.94
CA VAL B 574 -21.51 16.97 8.49
C VAL B 574 -22.27 17.61 9.65
N ASP B 575 -22.39 18.93 9.60
CA ASP B 575 -23.13 19.70 10.60
C ASP B 575 -24.67 19.58 10.50
N ARG B 576 -25.25 18.97 11.53
CA ARG B 576 -26.65 18.64 11.53
C ARG B 576 -27.32 19.05 12.82
N ARG B 577 -26.58 19.70 13.70
CA ARG B 577 -27.13 20.20 14.94
C ARG B 577 -27.66 21.58 14.60
N PHE B 578 -26.74 22.49 14.31
CA PHE B 578 -27.05 23.88 13.98
C PHE B 578 -27.85 24.04 12.67
N LYS B 579 -27.16 23.97 11.52
CA LYS B 579 -27.77 24.14 10.17
C LYS B 579 -29.17 23.52 9.98
N ALA B 580 -29.90 24.00 8.96
CA ALA B 580 -31.22 23.44 8.56
C ALA B 580 -31.25 21.92 8.46
N PRO B 581 -32.47 21.31 8.44
CA PRO B 581 -32.52 20.01 7.79
C PRO B 581 -31.85 20.06 6.41
N ASP B 582 -32.26 21.03 5.60
CA ASP B 582 -31.91 21.04 4.20
C ASP B 582 -30.46 21.47 3.93
N GLU B 583 -29.93 22.37 4.75
CA GLU B 583 -28.60 22.95 4.47
C GLU B 583 -27.48 21.95 4.84
N SER B 584 -27.85 20.96 5.66
CA SER B 584 -27.02 19.81 5.96
C SER B 584 -26.86 18.96 4.70
N VAL B 585 -28.00 18.62 4.07
CA VAL B 585 -28.01 17.85 2.80
C VAL B 585 -27.05 18.41 1.75
N GLU B 586 -27.14 19.70 1.45
CA GLU B 586 -26.16 20.34 0.55
C GLU B 586 -24.70 20.24 1.05
N GLN B 587 -24.50 20.11 2.36
CA GLN B 587 -23.14 19.92 2.89
C GLN B 587 -22.65 18.47 2.79
N LEU B 588 -23.58 17.51 2.91
CA LEU B 588 -23.27 16.12 2.60
C LEU B 588 -22.86 15.96 1.12
N VAL B 589 -23.65 16.58 0.24
CA VAL B 589 -23.46 16.50 -1.20
C VAL B 589 -22.14 17.12 -1.56
N ASP B 590 -21.78 18.17 -0.83
CA ASP B 590 -20.47 18.80 -0.95
C ASP B 590 -19.33 17.79 -0.75
N TYR B 591 -19.33 17.16 0.41
CA TYR B 591 -18.21 16.36 0.86
C TYR B 591 -17.98 15.23 -0.09
N MET B 592 -19.10 14.63 -0.53
CA MET B 592 -19.14 13.60 -1.54
C MET B 592 -18.54 14.11 -2.85
N GLU B 593 -19.10 15.20 -3.40
CA GLU B 593 -18.60 15.78 -4.64
C GLU B 593 -17.10 16.09 -4.51
N GLU B 594 -16.71 16.64 -3.36
CA GLU B 594 -15.33 16.94 -3.06
C GLU B 594 -14.44 15.69 -3.19
N PHE B 595 -14.96 14.58 -2.65
CA PHE B 595 -14.24 13.30 -2.56
C PHE B 595 -14.04 12.66 -3.93
N VAL B 596 -15.11 12.63 -4.73
CA VAL B 596 -15.04 12.13 -6.11
C VAL B 596 -13.87 12.79 -6.86
N LYS B 597 -13.78 14.11 -6.74
CA LYS B 597 -12.86 14.92 -7.52
C LYS B 597 -11.39 14.66 -7.18
N LYS B 598 -11.11 13.90 -6.12
CA LYS B 598 -9.71 13.48 -5.87
C LYS B 598 -9.18 12.55 -6.98
N THR B 599 -7.92 12.74 -7.35
CA THR B 599 -7.23 11.75 -8.20
C THR B 599 -6.91 10.57 -7.32
N ARG B 600 -6.51 9.46 -7.95
CA ARG B 600 -6.27 8.21 -7.21
C ARG B 600 -5.02 8.25 -6.31
N ARG B 601 -4.28 9.36 -6.34
CA ARG B 601 -3.15 9.57 -5.43
C ARG B 601 -3.70 10.15 -4.16
N GLN B 602 -4.18 11.39 -4.25
CA GLN B 602 -4.78 12.11 -3.11
C GLN B 602 -5.52 11.14 -2.20
N ARG B 603 -6.29 10.25 -2.83
CA ARG B 603 -7.01 9.18 -2.15
C ARG B 603 -6.13 8.26 -1.32
N ILE B 604 -5.16 7.60 -1.93
CA ILE B 604 -4.33 6.63 -1.22
C ILE B 604 -3.69 7.24 0.03
N ASN B 605 -3.40 8.54 -0.03
CA ASN B 605 -2.89 9.30 1.12
C ASN B 605 -3.94 9.43 2.21
N GLN B 606 -5.14 9.87 1.82
CA GLN B 606 -6.24 10.02 2.77
C GLN B 606 -6.41 8.74 3.56
N ARG B 607 -6.46 7.61 2.86
CA ARG B 607 -6.56 6.31 3.50
C ARG B 607 -5.40 6.04 4.45
N ASN B 608 -4.23 6.60 4.15
CA ASN B 608 -3.11 6.42 5.05
C ASN B 608 -3.23 7.23 6.34
N ALA B 609 -3.77 8.44 6.21
CA ALA B 609 -4.14 9.25 7.36
C ALA B 609 -5.21 8.59 8.23
N THR B 610 -6.24 8.04 7.58
CA THR B 610 -7.29 7.36 8.31
C THR B 610 -6.68 6.27 9.22
N GLU B 611 -6.15 5.18 8.62
CA GLU B 611 -5.54 4.08 9.38
C GLU B 611 -4.67 4.57 10.53
N ALA B 612 -4.08 5.74 10.39
CA ALA B 612 -3.19 6.27 11.44
C ALA B 612 -3.99 6.74 12.62
N LEU B 613 -5.14 7.33 12.35
CA LEU B 613 -6.09 7.64 13.40
C LEU B 613 -6.64 6.44 14.19
N SER B 614 -6.39 5.20 13.76
CA SER B 614 -6.82 4.02 14.51
C SER B 614 -6.32 4.03 15.96
N ASP B 615 -5.05 4.37 16.11
CA ASP B 615 -4.37 4.46 17.40
C ASP B 615 -5.10 5.28 18.48
N LEU B 616 -5.99 6.18 18.07
CA LEU B 616 -6.82 6.95 19.01
C LEU B 616 -8.17 6.30 19.37
N LEU B 617 -8.48 5.15 18.79
CA LEU B 617 -9.79 4.54 19.06
C LEU B 617 -9.63 3.26 19.88
N ASP B 618 -8.39 2.93 20.23
CA ASP B 618 -8.12 1.72 21.00
C ASP B 618 -8.58 1.83 22.42
N TRP B 619 -9.23 0.77 22.90
CA TRP B 619 -9.52 0.61 24.32
C TRP B 619 -8.31 0.88 25.21
N LYS B 620 -7.13 0.57 24.67
CA LYS B 620 -5.82 0.66 25.34
C LYS B 620 -5.50 2.11 25.67
N ARG B 621 -6.43 2.99 25.35
CA ARG B 621 -6.32 4.42 25.57
C ARG B 621 -7.67 4.92 26.07
N MET B 622 -8.73 4.47 25.41
CA MET B 622 -10.08 4.88 25.74
C MET B 622 -10.52 4.41 27.12
N GLY B 623 -10.00 3.24 27.52
CA GLY B 623 -10.31 2.61 28.80
C GLY B 623 -10.00 3.47 30.00
N LEU B 624 -8.95 4.29 29.88
CA LEU B 624 -8.52 5.22 30.95
C LEU B 624 -9.63 6.09 31.56
N GLU B 625 -10.66 6.39 30.78
CA GLU B 625 -11.86 7.01 31.30
C GLU B 625 -12.66 6.06 32.22
N TYR B 626 -12.75 4.78 31.84
CA TYR B 626 -13.39 3.79 32.70
C TYR B 626 -12.51 3.64 33.94
N VAL B 627 -11.19 3.77 33.76
CA VAL B 627 -10.31 3.81 34.92
C VAL B 627 -10.60 5.00 35.85
N LYS B 628 -10.96 6.14 35.27
CA LYS B 628 -11.27 7.33 36.07
C LYS B 628 -12.60 7.11 36.77
N ALA B 629 -13.58 6.60 36.03
CA ALA B 629 -14.93 6.58 36.56
C ALA B 629 -14.89 5.72 37.80
N ARG B 630 -14.11 4.64 37.74
CA ARG B 630 -14.00 3.76 38.87
C ARG B 630 -13.33 4.41 40.06
N GLN B 631 -12.23 5.15 39.82
CA GLN B 631 -11.49 5.90 40.86
C GLN B 631 -12.36 6.96 41.53
N LEU B 632 -13.01 7.79 40.71
CA LEU B 632 -13.87 8.81 41.26
C LEU B 632 -14.86 8.18 42.22
N ALA B 633 -15.40 7.01 41.83
CA ALA B 633 -16.42 6.30 42.61
C ALA B 633 -15.91 5.85 43.98
N LEU B 634 -14.61 5.61 44.06
CA LEU B 634 -13.97 5.17 45.30
C LEU B 634 -13.74 6.37 46.18
N ARG B 635 -12.92 7.31 45.72
CA ARG B 635 -12.84 8.65 46.29
C ARG B 635 -14.18 8.97 46.94
N ARG B 636 -15.27 8.83 46.19
CA ARG B 636 -16.56 9.36 46.62
C ARG B 636 -17.18 8.57 47.73
N GLY B 637 -16.97 7.25 47.71
CA GLY B 637 -17.53 6.37 48.73
C GLY B 637 -16.72 6.39 50.01
N TYR B 638 -15.41 6.53 49.88
CA TYR B 638 -14.55 6.47 51.05
C TYR B 638 -13.62 7.72 51.12
N PRO B 639 -14.21 8.95 51.19
CA PRO B 639 -13.47 10.19 50.84
C PRO B 639 -12.12 10.38 51.52
N ASP B 640 -12.09 10.21 52.84
CA ASP B 640 -10.85 10.38 53.59
C ASP B 640 -9.98 9.14 53.51
N GLN B 641 -10.62 7.97 53.61
CA GLN B 641 -9.97 6.73 53.25
C GLN B 641 -9.07 6.98 52.01
N PHE B 642 -9.68 7.55 50.96
CA PHE B 642 -8.98 7.89 49.72
C PHE B 642 -7.84 8.86 49.94
N ARG B 643 -8.13 9.99 50.60
CA ARG B 643 -7.13 11.04 50.93
C ARG B 643 -5.81 10.50 51.47
N GLU B 644 -5.91 9.54 52.39
CA GLU B 644 -4.72 8.83 52.87
C GLU B 644 -3.97 8.29 51.66
N LEU B 645 -4.61 7.42 50.87
CA LEU B 645 -3.91 6.74 49.75
C LEU B 645 -3.14 7.69 48.82
N VAL B 646 -3.56 8.96 48.69
CA VAL B 646 -2.66 10.00 48.15
C VAL B 646 -2.47 11.14 49.15
N1 UDP C . 21.34 -6.24 -12.31
C2 UDP C . 20.69 -7.42 -12.71
N3 UDP C . 20.63 -8.50 -11.89
C4 UDP C . 21.23 -8.45 -10.68
C5 UDP C . 21.88 -7.28 -10.26
C6 UDP C . 21.94 -6.17 -11.11
O2 UDP C . 20.15 -7.44 -13.84
O4 UDP C . 21.17 -9.43 -9.92
C1' UDP C . 21.36 -5.15 -13.28
C2' UDP C . 20.60 -3.91 -12.91
O2' UDP C . 19.21 -4.05 -13.24
C3' UDP C . 21.24 -2.90 -13.82
C4' UDP C . 22.53 -3.53 -14.28
O4' UDP C . 22.68 -4.70 -13.50
O3' UDP C . 20.44 -2.67 -14.96
C5' UDP C . 23.69 -2.59 -14.07
O5' UDP C . 23.22 -1.38 -13.47
PA UDP C . 23.52 0.07 -14.11
O1A UDP C . 22.87 0.19 -15.47
O2A UDP C . 23.26 1.15 -13.08
O3A UDP C . 25.11 -0.10 -14.35
PB UDP C . 26.10 -0.39 -13.14
O1B UDP C . 25.94 -1.86 -12.88
O2B UDP C . 25.62 0.52 -12.02
O3B UDP C . 27.46 -0.03 -13.71
N1 U5P D . -22.40 -5.71 10.91
C2 U5P D . -22.56 -4.85 9.77
N3 U5P D . -22.77 -5.40 8.55
C4 U5P D . -22.81 -6.74 8.40
C5 U5P D . -22.64 -7.61 9.50
C6 U5P D . -22.43 -7.05 10.77
O2 U5P D . -22.53 -3.48 9.86
O4 U5P D . -23.02 -7.18 7.13
C1' U5P D . -22.16 -5.14 12.24
C2' U5P D . -21.06 -4.10 12.11
O2' U5P D . -19.78 -4.68 12.39
C3' U5P D . -21.50 -2.92 12.99
C4' U5P D . -22.91 -3.25 13.43
O3' U5P D . -20.71 -2.78 14.15
O4' U5P D . -23.30 -4.41 12.69
C5' U5P D . -23.82 -2.07 13.15
O5' U5P D . -23.72 -1.01 14.10
P U5P D . -24.95 0.03 14.41
O1P U5P D . -26.01 -0.13 13.33
O2P U5P D . -24.23 1.38 14.43
O3P U5P D . -25.47 -0.47 15.73
#